data_8GR8
#
_entry.id   8GR8
#
_cell.length_a   108.715
_cell.length_b   108.715
_cell.length_c   86.952
_cell.angle_alpha   90.000
_cell.angle_beta   90.000
_cell.angle_gamma   90.000
#
_symmetry.space_group_name_H-M   'P 41'
#
loop_
_entity.id
_entity.type
_entity.pdbx_description
1 polymer 'Citrate synthase'
2 non-polymer 'CHLORIDE ION'
3 non-polymer GLYCEROL
4 non-polymer '4-(2-HYDROXYETHYL)-1-PIPERAZINE ETHANESULFONIC ACID'
5 non-polymer DI(HYDROXYETHYL)ETHER
6 water water
#
_entity_poly.entity_id   1
_entity_poly.type   'polypeptide(L)'
_entity_poly.pdbx_seq_one_letter_code
;MTVPYLNSNRNVASYLQSNSSQEKTLKERFSEIYPIHAQDVRQFVKEHGKTKISDVLLEQVYGGMRGIPGSVWEGSVLDP
EDGIRFRGRTIADIQKDLPKAKGSSQPLPEALFWLLLTGEVPTQAQVENLSADLMSRSELPSHVVQLLDNLPKDLHPMAQ
FSIAVTALESESKFAKAYAQGISKQDYWSYTFEDSLDLLGKLPVIAAKIYRNVFKDGKMGEVDPNADYAKNLVNLIGSKD
EDFVDLMRLYLTIHSDHEGGNVSAHTSHLVGSALSSPYLSLASGLNGLAGPLHGRANQEVLEWLFALKEEVNDDYSKDTI
EKYLWDTLNSGRVIPGYGHAVLRKTDPRYMAQRKFAMDHFPDYELFKLVSSIYEVAPGVLTEHGKTKNPWPNVDAHSGVL
LQYYGLKESSFYTVLFGVSRAFGILAQLITDRAIGASIERPKSYSTEKYKELVKNIESKL
;
_entity_poly.pdbx_strand_id   A,B
#
loop_
_chem_comp.id
_chem_comp.type
_chem_comp.name
_chem_comp.formula
CL non-polymer 'CHLORIDE ION' 'Cl -1'
EPE non-polymer '4-(2-HYDROXYETHYL)-1-PIPERAZINE ETHANESULFONIC ACID' 'C8 H18 N2 O4 S'
GOL non-polymer GLYCEROL 'C3 H8 O3'
PEG non-polymer DI(HYDROXYETHYL)ETHER 'C4 H10 O3'
#
# COMPACT_ATOMS: atom_id res chain seq x y z
N GLU A 23 -21.69 30.53 9.34
CA GLU A 23 -21.15 29.97 8.11
C GLU A 23 -21.03 28.45 8.20
N LYS A 24 -21.10 27.78 7.07
CA LYS A 24 -21.02 26.33 7.03
C LYS A 24 -19.62 25.85 7.39
N THR A 25 -19.54 24.72 8.07
CA THR A 25 -18.27 24.06 8.29
C THR A 25 -17.89 23.25 7.05
N LEU A 26 -16.69 22.66 7.09
CA LEU A 26 -16.24 21.83 5.97
C LEU A 26 -17.15 20.62 5.79
N LYS A 27 -17.44 19.91 6.90
CA LYS A 27 -18.27 18.72 6.81
C LYS A 27 -19.68 19.06 6.34
N GLU A 28 -20.23 20.17 6.82
CA GLU A 28 -21.57 20.57 6.42
C GLU A 28 -21.64 20.92 4.94
N ARG A 29 -20.64 21.65 4.44
CA ARG A 29 -20.64 22.00 3.02
C ARG A 29 -20.40 20.79 2.14
N PHE A 30 -19.49 19.89 2.55
CA PHE A 30 -19.26 18.67 1.78
C PHE A 30 -20.50 17.78 1.78
N SER A 31 -21.29 17.82 2.85
CA SER A 31 -22.50 17.00 2.91
C SER A 31 -23.52 17.44 1.86
N GLU A 32 -23.45 18.69 1.42
CA GLU A 32 -24.33 19.21 0.39
C GLU A 32 -23.77 19.04 -1.01
N ILE A 33 -22.46 18.84 -1.15
CA ILE A 33 -21.82 18.76 -2.45
C ILE A 33 -21.68 17.31 -2.92
N TYR A 34 -21.37 16.39 -2.00
CA TYR A 34 -21.10 15.02 -2.41
C TYR A 34 -22.29 14.31 -3.05
N PRO A 35 -23.55 14.53 -2.64
CA PRO A 35 -24.65 13.86 -3.36
C PRO A 35 -24.75 14.26 -4.82
N ILE A 36 -24.44 15.51 -5.16
CA ILE A 36 -24.45 15.94 -6.55
C ILE A 36 -23.36 15.21 -7.34
N HIS A 37 -22.16 15.12 -6.77
CA HIS A 37 -21.08 14.41 -7.44
C HIS A 37 -21.38 12.92 -7.57
N ALA A 38 -21.97 12.32 -6.54
CA ALA A 38 -22.25 10.89 -6.58
C ALA A 38 -23.31 10.56 -7.63
N GLN A 39 -24.35 11.39 -7.75
CA GLN A 39 -25.36 11.16 -8.77
C GLN A 39 -24.80 11.42 -10.16
N ASP A 40 -23.96 12.45 -10.30
CA ASP A 40 -23.36 12.75 -11.59
C ASP A 40 -22.47 11.61 -12.07
N VAL A 41 -21.72 11.00 -11.15
CA VAL A 41 -20.87 9.87 -11.51
C VAL A 41 -21.71 8.68 -11.93
N ARG A 42 -22.78 8.38 -11.18
CA ARG A 42 -23.62 7.24 -11.53
C ARG A 42 -24.33 7.45 -12.87
N GLN A 43 -24.78 8.67 -13.13
CA GLN A 43 -25.40 8.96 -14.43
C GLN A 43 -24.36 8.91 -15.55
N PHE A 44 -23.14 9.38 -15.28
CA PHE A 44 -22.09 9.36 -16.28
C PHE A 44 -21.73 7.93 -16.69
N VAL A 45 -21.59 7.05 -15.71
CA VAL A 45 -21.22 5.66 -15.99
C VAL A 45 -22.39 4.91 -16.61
N LYS A 46 -23.61 5.22 -16.18
CA LYS A 46 -24.78 4.54 -16.75
C LYS A 46 -24.93 4.84 -18.23
N GLU A 47 -24.67 6.09 -18.63
CA GLU A 47 -24.93 6.52 -20.00
C GLU A 47 -23.72 6.38 -20.92
N HIS A 48 -22.51 6.21 -20.37
CA HIS A 48 -21.30 6.16 -21.17
C HIS A 48 -20.35 5.04 -20.76
N GLY A 49 -20.76 4.16 -19.85
CA GLY A 49 -19.84 3.17 -19.30
C GLY A 49 -19.23 2.25 -20.33
N LYS A 50 -19.94 1.98 -21.42
CA LYS A 50 -19.44 1.08 -22.45
C LYS A 50 -18.47 1.75 -23.40
N THR A 51 -18.29 3.05 -23.33
CA THR A 51 -17.35 3.74 -24.20
C THR A 51 -15.92 3.31 -23.87
N LYS A 52 -15.17 2.92 -24.91
CA LYS A 52 -13.78 2.52 -24.74
C LYS A 52 -12.90 3.76 -24.67
N ILE A 53 -12.12 3.89 -23.61
CA ILE A 53 -11.28 5.07 -23.40
C ILE A 53 -9.81 4.80 -23.65
N SER A 54 -9.40 3.54 -23.81
CA SER A 54 -7.98 3.25 -24.01
C SER A 54 -7.83 1.79 -24.41
N ASP A 55 -6.66 1.50 -24.99
CA ASP A 55 -6.21 0.14 -25.24
C ASP A 55 -5.32 -0.32 -24.09
N VAL A 56 -5.23 -1.64 -23.92
CA VAL A 56 -4.23 -2.26 -23.05
C VAL A 56 -3.28 -3.02 -23.96
N LEU A 57 -2.08 -2.47 -24.14
CA LEU A 57 -1.05 -3.17 -24.89
C LEU A 57 -0.23 -4.04 -23.94
N LEU A 58 0.37 -5.09 -24.50
CA LEU A 58 1.20 -5.98 -23.70
C LEU A 58 2.36 -5.22 -23.05
N GLU A 59 2.91 -4.23 -23.77
CA GLU A 59 4.04 -3.47 -23.23
C GLU A 59 3.63 -2.60 -22.04
N GLN A 60 2.34 -2.29 -21.89
CA GLN A 60 1.89 -1.48 -20.76
C GLN A 60 1.76 -2.31 -19.50
N VAL A 61 1.17 -3.51 -19.59
CA VAL A 61 1.06 -4.36 -18.41
C VAL A 61 2.44 -4.82 -17.96
N TYR A 62 3.41 -4.86 -18.85
CA TYR A 62 4.80 -5.15 -18.51
C TYR A 62 5.62 -3.89 -18.25
N GLY A 63 5.02 -2.72 -18.42
CA GLY A 63 5.71 -1.47 -18.17
C GLY A 63 5.02 -0.62 -17.11
N GLY A 64 4.51 -1.26 -16.07
CA GLY A 64 3.90 -0.54 -14.97
C GLY A 64 2.64 0.21 -15.32
N MET A 65 1.86 -0.29 -16.29
CA MET A 65 0.59 0.31 -16.69
C MET A 65 0.75 1.76 -17.12
N ARG A 66 1.92 2.11 -17.65
CA ARG A 66 2.17 3.49 -18.07
C ARG A 66 1.22 3.90 -19.18
N GLY A 67 0.63 5.09 -19.04
CA GLY A 67 -0.34 5.59 -20.00
C GLY A 67 -1.74 5.04 -19.86
N ILE A 68 -1.95 4.05 -19.00
CA ILE A 68 -3.28 3.46 -18.83
C ILE A 68 -4.10 4.38 -17.92
N PRO A 69 -5.31 4.76 -18.33
CA PRO A 69 -6.20 5.46 -17.39
C PRO A 69 -6.73 4.52 -16.32
N GLY A 70 -6.16 4.59 -15.13
CA GLY A 70 -6.53 3.64 -14.08
C GLY A 70 -6.85 4.27 -12.75
N SER A 71 -7.25 5.54 -12.75
CA SER A 71 -7.58 6.20 -11.50
C SER A 71 -8.52 7.36 -11.77
N VAL A 72 -9.51 7.51 -10.90
CA VAL A 72 -10.41 8.67 -10.89
C VAL A 72 -10.00 9.52 -9.69
N TRP A 73 -9.36 10.65 -9.97
CA TRP A 73 -8.80 11.51 -8.93
C TRP A 73 -9.25 12.94 -9.21
N GLU A 74 -10.08 13.48 -8.32
CA GLU A 74 -10.74 14.76 -8.55
C GLU A 74 -9.88 15.97 -8.17
N GLY A 75 -9.04 15.83 -7.14
CA GLY A 75 -8.42 17.00 -6.54
C GLY A 75 -7.50 17.76 -7.49
N SER A 76 -6.66 17.04 -8.23
CA SER A 76 -5.62 17.68 -9.03
C SER A 76 -5.47 16.99 -10.37
N VAL A 77 -5.17 17.80 -11.39
CA VAL A 77 -4.89 17.32 -12.75
C VAL A 77 -3.70 18.09 -13.27
N LEU A 78 -2.75 17.39 -13.90
CA LEU A 78 -1.57 18.04 -14.45
C LEU A 78 -1.92 18.67 -15.80
N ASP A 79 -1.90 19.99 -15.85
CA ASP A 79 -2.04 20.70 -17.13
C ASP A 79 -0.69 20.75 -17.82
N PRO A 80 -0.55 20.17 -19.02
CA PRO A 80 0.77 20.13 -19.65
C PRO A 80 1.33 21.50 -20.03
N GLU A 81 0.49 22.54 -20.06
CA GLU A 81 0.92 23.87 -20.42
C GLU A 81 1.00 24.82 -19.23
N ASP A 82 0.21 24.61 -18.19
CA ASP A 82 0.15 25.51 -17.05
C ASP A 82 0.57 24.87 -15.73
N GLY A 83 0.96 23.60 -15.73
CA GLY A 83 1.36 22.95 -14.51
C GLY A 83 0.19 22.30 -13.79
N ILE A 84 0.49 21.78 -12.59
CA ILE A 84 -0.53 21.10 -11.81
C ILE A 84 -1.65 22.06 -11.46
N ARG A 85 -2.89 21.60 -11.59
CA ARG A 85 -4.06 22.39 -11.28
C ARG A 85 -4.85 21.72 -10.16
N PHE A 86 -5.14 22.48 -9.11
CA PHE A 86 -5.98 22.02 -8.00
C PHE A 86 -7.40 22.52 -8.24
N ARG A 87 -8.29 21.60 -8.61
CA ARG A 87 -9.69 21.93 -8.92
C ARG A 87 -9.76 23.06 -9.94
N GLY A 88 -8.96 22.94 -11.00
CA GLY A 88 -8.91 23.93 -12.05
C GLY A 88 -8.02 25.13 -11.77
N ARG A 89 -7.58 25.32 -10.53
CA ARG A 89 -6.76 26.46 -10.16
C ARG A 89 -5.29 26.13 -10.31
N THR A 90 -4.55 27.01 -10.98
CA THR A 90 -3.10 26.90 -11.07
C THR A 90 -2.46 27.33 -9.75
N ILE A 91 -1.13 27.22 -9.69
CA ILE A 91 -0.41 27.70 -8.51
C ILE A 91 -0.62 29.19 -8.33
N ALA A 92 -0.58 29.96 -9.42
CA ALA A 92 -0.87 31.39 -9.34
C ALA A 92 -2.31 31.64 -8.91
N ASP A 93 -3.24 30.77 -9.30
CA ASP A 93 -4.63 30.95 -8.90
C ASP A 93 -4.81 30.79 -7.39
N ILE A 94 -4.23 29.73 -6.82
CA ILE A 94 -4.42 29.50 -5.39
C ILE A 94 -3.61 30.51 -4.57
N GLN A 95 -2.47 30.97 -5.10
CA GLN A 95 -1.71 32.01 -4.42
C GLN A 95 -2.48 33.32 -4.35
N LYS A 96 -3.46 33.51 -5.23
CA LYS A 96 -4.27 34.72 -5.26
C LYS A 96 -5.62 34.57 -4.57
N ASP A 97 -6.22 33.38 -4.63
CA ASP A 97 -7.60 33.19 -4.16
C ASP A 97 -7.70 32.58 -2.77
N LEU A 98 -6.73 31.77 -2.36
CA LEU A 98 -6.87 31.08 -1.08
C LEU A 98 -6.62 32.04 0.08
N PRO A 99 -7.34 31.87 1.18
CA PRO A 99 -7.10 32.71 2.37
C PRO A 99 -5.70 32.51 2.92
N LYS A 100 -5.19 33.55 3.59
CA LYS A 100 -3.86 33.56 4.14
C LYS A 100 -3.92 33.89 5.63
N ALA A 101 -2.85 33.57 6.33
CA ALA A 101 -2.74 33.98 7.72
C ALA A 101 -2.52 35.49 7.80
N LYS A 102 -2.90 36.06 8.94
CA LYS A 102 -2.81 37.50 9.12
C LYS A 102 -1.38 37.99 8.95
N GLY A 103 -1.19 38.93 8.02
CA GLY A 103 0.12 39.49 7.75
C GLY A 103 1.02 38.64 6.88
N SER A 104 0.50 37.55 6.31
CA SER A 104 1.29 36.63 5.50
C SER A 104 0.85 36.70 4.04
N SER A 105 1.78 36.31 3.17
CA SER A 105 1.52 36.21 1.74
C SER A 105 1.37 34.77 1.27
N GLN A 106 1.55 33.80 2.16
CA GLN A 106 1.53 32.42 1.68
C GLN A 106 0.15 31.80 1.85
N PRO A 107 -0.26 30.96 0.90
CA PRO A 107 -1.53 30.25 1.07
C PRO A 107 -1.45 29.22 2.17
N LEU A 108 -2.59 28.97 2.81
CA LEU A 108 -2.63 28.02 3.91
C LEU A 108 -2.96 26.63 3.38
N PRO A 109 -2.21 25.60 3.80
CA PRO A 109 -2.51 24.24 3.32
C PRO A 109 -3.89 23.74 3.69
N GLU A 110 -4.43 24.14 4.85
CA GLU A 110 -5.79 23.74 5.19
C GLU A 110 -6.83 24.42 4.32
N ALA A 111 -6.52 25.59 3.75
CA ALA A 111 -7.42 26.19 2.78
C ALA A 111 -7.43 25.42 1.47
N LEU A 112 -6.27 24.87 1.08
CA LEU A 112 -6.23 24.03 -0.11
C LEU A 112 -6.96 22.71 0.12
N PHE A 113 -6.88 22.17 1.34
CA PHE A 113 -7.63 20.96 1.66
C PHE A 113 -9.13 21.18 1.49
N TRP A 114 -9.63 22.33 1.95
CA TRP A 114 -11.03 22.68 1.74
C TRP A 114 -11.35 22.69 0.25
N LEU A 115 -10.47 23.27 -0.56
CA LEU A 115 -10.68 23.34 -2.01
C LEU A 115 -10.62 21.95 -2.63
N LEU A 116 -9.68 21.11 -2.20
CA LEU A 116 -9.57 19.77 -2.76
C LEU A 116 -10.83 18.95 -2.48
N LEU A 117 -11.38 19.07 -1.28
CA LEU A 117 -12.51 18.24 -0.88
C LEU A 117 -13.81 18.73 -1.51
N THR A 118 -14.03 20.05 -1.54
CA THR A 118 -15.31 20.60 -1.97
C THR A 118 -15.28 21.23 -3.36
N GLY A 119 -14.12 21.58 -3.89
CA GLY A 119 -14.05 22.30 -5.13
C GLY A 119 -14.37 23.78 -5.01
N GLU A 120 -14.52 24.29 -3.78
CA GLU A 120 -14.87 25.69 -3.56
C GLU A 120 -13.84 26.33 -2.63
N VAL A 121 -13.65 27.63 -2.81
CA VAL A 121 -12.68 28.38 -2.01
C VAL A 121 -13.34 28.77 -0.69
N PRO A 122 -12.72 28.48 0.45
CA PRO A 122 -13.31 28.86 1.74
C PRO A 122 -13.06 30.34 2.05
N THR A 123 -13.88 30.86 2.95
CA THR A 123 -13.68 32.20 3.44
C THR A 123 -12.58 32.20 4.50
N GLN A 124 -12.17 33.41 4.92
CA GLN A 124 -11.14 33.53 5.94
C GLN A 124 -11.59 32.85 7.24
N ALA A 125 -12.83 33.09 7.66
CA ALA A 125 -13.30 32.53 8.92
C ALA A 125 -13.45 31.02 8.85
N GLN A 126 -13.80 30.48 7.68
CA GLN A 126 -13.94 29.04 7.54
C GLN A 126 -12.59 28.34 7.69
N VAL A 127 -11.53 28.95 7.18
CA VAL A 127 -10.19 28.36 7.30
C VAL A 127 -9.76 28.34 8.76
N GLU A 128 -9.90 29.47 9.45
CA GLU A 128 -9.44 29.56 10.83
C GLU A 128 -10.22 28.61 11.74
N ASN A 129 -11.53 28.46 11.50
CA ASN A 129 -12.30 27.49 12.26
C ASN A 129 -11.86 26.07 11.95
N LEU A 130 -11.55 25.78 10.67
CA LEU A 130 -11.00 24.48 10.34
C LEU A 130 -9.64 24.26 11.00
N SER A 131 -8.79 25.30 11.00
CA SER A 131 -7.52 25.21 11.71
C SER A 131 -7.74 24.91 13.18
N ALA A 132 -8.69 25.59 13.81
CA ALA A 132 -8.98 25.35 15.22
C ALA A 132 -9.51 23.93 15.43
N ASP A 133 -10.37 23.46 14.53
CA ASP A 133 -10.88 22.10 14.63
C ASP A 133 -9.74 21.09 14.54
N LEU A 134 -8.78 21.32 13.64
CA LEU A 134 -7.62 20.43 13.52
C LEU A 134 -6.79 20.43 14.80
N MET A 135 -6.57 21.61 15.40
CA MET A 135 -5.75 21.67 16.60
C MET A 135 -6.43 21.03 17.80
N SER A 136 -7.76 21.01 17.82
CA SER A 136 -8.47 20.37 18.92
C SER A 136 -8.38 18.85 18.85
N ARG A 137 -7.99 18.30 17.70
CA ARG A 137 -7.84 16.87 17.51
C ARG A 137 -6.38 16.42 17.55
N SER A 138 -5.48 17.26 18.02
CA SER A 138 -4.05 17.07 17.81
C SER A 138 -3.35 16.35 18.97
N GLU A 139 -4.04 16.06 20.05
CA GLU A 139 -3.39 15.40 21.19
C GLU A 139 -3.09 13.95 20.85
N LEU A 140 -1.83 13.55 20.95
CA LEU A 140 -1.47 12.17 20.69
C LEU A 140 -1.89 11.28 21.87
N PRO A 141 -2.44 10.10 21.60
CA PRO A 141 -2.73 9.17 22.69
C PRO A 141 -1.45 8.72 23.38
N SER A 142 -1.61 8.31 24.64
CA SER A 142 -0.44 7.97 25.47
C SER A 142 0.41 6.89 24.83
N HIS A 143 -0.22 5.85 24.28
CA HIS A 143 0.54 4.73 23.74
C HIS A 143 1.32 5.09 22.48
N VAL A 144 0.94 6.16 21.78
CA VAL A 144 1.69 6.59 20.61
C VAL A 144 2.93 7.37 21.01
N VAL A 145 2.81 8.24 22.03
CA VAL A 145 3.97 8.97 22.53
C VAL A 145 4.99 7.99 23.11
N GLN A 146 4.52 7.05 23.94
CA GLN A 146 5.41 6.03 24.49
C GLN A 146 6.08 5.23 23.38
N LEU A 147 5.30 4.84 22.36
CA LEU A 147 5.84 4.09 21.23
C LEU A 147 6.97 4.85 20.57
N LEU A 148 6.75 6.13 20.27
CA LEU A 148 7.74 6.90 19.52
C LEU A 148 8.98 7.19 20.35
N ASP A 149 8.81 7.42 21.65
CA ASP A 149 9.95 7.73 22.50
C ASP A 149 10.89 6.53 22.69
N ASN A 150 10.41 5.32 22.44
CA ASN A 150 11.21 4.12 22.63
C ASN A 150 11.78 3.53 21.35
N LEU A 151 11.33 4.01 20.19
CA LEU A 151 11.88 3.50 18.93
C LEU A 151 13.33 3.94 18.78
N PRO A 152 14.20 3.10 18.24
CA PRO A 152 15.61 3.47 18.10
C PRO A 152 15.81 4.54 17.04
N LYS A 153 16.85 5.35 17.24
CA LYS A 153 17.13 6.47 16.36
C LYS A 153 17.53 6.04 14.95
N ASP A 154 18.04 4.82 14.79
CA ASP A 154 18.45 4.34 13.47
C ASP A 154 17.31 3.71 12.68
N LEU A 155 16.08 3.78 13.21
CA LEU A 155 14.90 3.41 12.44
C LEU A 155 14.45 4.62 11.65
N HIS A 156 14.44 4.50 10.33
CA HIS A 156 14.24 5.65 9.45
C HIS A 156 12.95 6.39 9.82
N PRO A 157 12.97 7.73 9.78
CA PRO A 157 11.77 8.48 10.20
C PRO A 157 10.50 8.11 9.44
N MET A 158 10.59 7.72 8.17
CA MET A 158 9.40 7.32 7.44
C MET A 158 8.79 6.04 8.04
N ALA A 159 9.65 5.13 8.51
CA ALA A 159 9.13 3.94 9.18
C ALA A 159 8.48 4.31 10.51
N GLN A 160 9.11 5.19 11.27
CA GLN A 160 8.48 5.68 12.50
C GLN A 160 7.21 6.44 12.19
N PHE A 161 7.18 7.14 11.05
CA PHE A 161 6.00 7.92 10.68
C PHE A 161 4.79 7.03 10.45
N SER A 162 4.93 6.02 9.58
CA SER A 162 3.81 5.14 9.28
C SER A 162 3.46 4.22 10.43
N ILE A 163 4.42 3.90 11.31
CA ILE A 163 4.12 3.12 12.49
C ILE A 163 3.22 3.91 13.43
N ALA A 164 3.56 5.18 13.67
CA ALA A 164 2.73 6.02 14.53
C ALA A 164 1.32 6.18 13.97
N VAL A 165 1.22 6.35 12.64
CA VAL A 165 -0.09 6.49 12.00
C VAL A 165 -0.89 5.20 12.16
N THR A 166 -0.24 4.05 12.00
CA THR A 166 -0.94 2.78 12.16
C THR A 166 -1.41 2.58 13.59
N ALA A 167 -0.61 3.03 14.57
CA ALA A 167 -0.96 2.84 15.98
C ALA A 167 -2.22 3.61 16.38
N LEU A 168 -2.60 4.64 15.62
CA LEU A 168 -3.84 5.36 15.90
C LEU A 168 -5.08 4.60 15.49
N GLU A 169 -4.94 3.37 14.98
CA GLU A 169 -6.09 2.62 14.49
C GLU A 169 -7.08 2.30 15.61
N SER A 170 -6.61 2.20 16.85
CA SER A 170 -7.50 1.95 17.97
C SER A 170 -8.55 3.04 18.13
N GLU A 171 -8.29 4.24 17.60
CA GLU A 171 -9.21 5.36 17.67
C GLU A 171 -10.17 5.42 16.49
N SER A 172 -10.03 4.51 15.52
CA SER A 172 -10.74 4.64 14.25
C SER A 172 -12.25 4.60 14.44
N LYS A 173 -12.92 5.70 14.12
CA LYS A 173 -14.37 5.73 14.14
C LYS A 173 -14.96 4.93 12.98
N PHE A 174 -14.27 4.89 11.84
CA PHE A 174 -14.80 4.15 10.70
C PHE A 174 -14.76 2.64 10.95
N ALA A 175 -13.68 2.14 11.54
CA ALA A 175 -13.61 0.71 11.84
C ALA A 175 -14.71 0.29 12.80
N LYS A 176 -14.94 1.09 13.84
CA LYS A 176 -16.05 0.81 14.76
C LYS A 176 -17.39 0.90 14.04
N ALA A 177 -17.54 1.91 13.18
CA ALA A 177 -18.82 2.07 12.46
C ALA A 177 -19.08 0.90 11.53
N TYR A 178 -18.05 0.41 10.85
CA TYR A 178 -18.24 -0.75 9.98
C TYR A 178 -18.63 -1.99 10.79
N ALA A 179 -17.95 -2.23 11.91
CA ALA A 179 -18.25 -3.39 12.73
C ALA A 179 -19.63 -3.33 13.35
N GLN A 180 -20.21 -2.13 13.48
CA GLN A 180 -21.53 -1.96 14.08
C GLN A 180 -22.64 -1.90 13.03
N GLY A 181 -22.36 -2.30 11.80
CA GLY A 181 -23.39 -2.38 10.78
C GLY A 181 -23.86 -1.07 10.18
N ILE A 182 -23.01 -0.03 10.19
CA ILE A 182 -23.38 1.21 9.52
C ILE A 182 -23.45 0.98 8.02
N SER A 183 -24.47 1.54 7.38
CA SER A 183 -24.70 1.30 5.96
C SER A 183 -23.65 2.00 5.11
N LYS A 184 -23.52 1.53 3.86
CA LYS A 184 -22.48 2.01 2.97
C LYS A 184 -22.61 3.51 2.71
N GLN A 185 -23.84 4.01 2.66
CA GLN A 185 -24.08 5.42 2.35
C GLN A 185 -23.69 6.35 3.50
N ASP A 186 -23.38 5.81 4.68
CA ASP A 186 -22.91 6.61 5.80
C ASP A 186 -21.42 6.44 6.06
N TYR A 187 -20.70 5.71 5.19
CA TYR A 187 -19.27 5.50 5.39
C TYR A 187 -18.50 6.81 5.41
N TRP A 188 -18.90 7.77 4.56
CA TRP A 188 -18.12 8.99 4.39
C TRP A 188 -17.98 9.78 5.68
N SER A 189 -19.03 9.78 6.52
CA SER A 189 -19.04 10.63 7.70
C SER A 189 -17.93 10.22 8.68
N TYR A 190 -17.81 8.93 8.95
CA TYR A 190 -16.77 8.45 9.85
C TYR A 190 -15.40 8.51 9.20
N THR A 191 -15.33 8.29 7.87
CA THR A 191 -14.09 8.53 7.15
C THR A 191 -13.65 9.97 7.28
N PHE A 192 -14.60 10.90 7.20
CA PHE A 192 -14.28 12.32 7.36
C PHE A 192 -13.72 12.60 8.75
N GLU A 193 -14.37 12.08 9.79
CA GLU A 193 -13.90 12.32 11.15
C GLU A 193 -12.53 11.70 11.37
N ASP A 194 -12.33 10.47 10.91
CA ASP A 194 -11.01 9.84 11.01
C ASP A 194 -9.96 10.66 10.28
N SER A 195 -10.31 11.22 9.13
CA SER A 195 -9.34 11.97 8.34
C SER A 195 -8.93 13.25 9.07
N LEU A 196 -9.89 13.97 9.65
CA LEU A 196 -9.54 15.18 10.39
C LEU A 196 -8.83 14.85 11.69
N ASP A 197 -9.24 13.77 12.36
CA ASP A 197 -8.48 13.30 13.52
C ASP A 197 -7.04 12.98 13.13
N LEU A 198 -6.86 12.34 11.98
CA LEU A 198 -5.51 11.98 11.54
C LEU A 198 -4.70 13.20 11.16
N LEU A 199 -5.31 14.13 10.40
CA LEU A 199 -4.60 15.32 9.96
C LEU A 199 -4.15 16.18 11.14
N GLY A 200 -4.98 16.27 12.18
CA GLY A 200 -4.63 17.08 13.33
C GLY A 200 -3.39 16.57 14.06
N LYS A 201 -3.16 15.27 14.04
CA LYS A 201 -2.05 14.67 14.76
C LYS A 201 -0.79 14.52 13.91
N LEU A 202 -0.87 14.72 12.60
CA LEU A 202 0.32 14.57 11.75
C LEU A 202 1.43 15.54 12.10
N PRO A 203 1.20 16.84 12.31
CA PRO A 203 2.31 17.71 12.72
C PRO A 203 2.91 17.30 14.05
N VAL A 204 2.11 16.78 14.97
CA VAL A 204 2.62 16.36 16.27
C VAL A 204 3.50 15.12 16.11
N ILE A 205 3.06 14.16 15.29
CA ILE A 205 3.85 12.96 15.05
C ILE A 205 5.17 13.30 14.37
N ALA A 206 5.11 14.09 13.29
CA ALA A 206 6.31 14.43 12.54
C ALA A 206 7.30 15.20 13.42
N ALA A 207 6.81 16.13 14.23
CA ALA A 207 7.69 16.91 15.08
C ALA A 207 8.28 16.05 16.19
N LYS A 208 7.47 15.17 16.79
CA LYS A 208 7.99 14.27 17.81
C LYS A 208 9.11 13.40 17.27
N ILE A 209 8.96 12.89 16.04
CA ILE A 209 10.01 12.09 15.43
C ILE A 209 11.26 12.94 15.20
N TYR A 210 11.09 14.18 14.76
CA TYR A 210 12.24 15.03 14.50
C TYR A 210 12.98 15.36 15.79
N ARG A 211 12.25 15.67 16.87
CA ARG A 211 12.91 16.01 18.13
C ARG A 211 13.62 14.80 18.72
N ASN A 212 13.00 13.62 18.62
CA ASN A 212 13.59 12.41 19.20
C ASN A 212 14.83 11.98 18.42
N VAL A 213 14.72 11.94 17.09
CA VAL A 213 15.81 11.36 16.29
C VAL A 213 16.98 12.32 16.20
N PHE A 214 16.71 13.62 16.03
CA PHE A 214 17.75 14.58 15.70
C PHE A 214 18.03 15.61 16.79
N LYS A 215 17.18 15.72 17.81
CA LYS A 215 17.41 16.72 18.85
C LYS A 215 17.38 16.11 20.24
N ASP A 216 16.76 16.82 21.20
CA ASP A 216 16.79 16.41 22.60
C ASP A 216 15.49 15.75 23.05
N GLY A 217 14.58 15.46 22.13
CA GLY A 217 13.34 14.81 22.47
C GLY A 217 12.29 15.69 23.11
N LYS A 218 12.49 17.01 23.14
CA LYS A 218 11.57 17.95 23.78
C LYS A 218 10.76 18.68 22.73
N MET A 219 9.44 18.47 22.76
N MET A 219 9.43 18.63 22.89
CA MET A 219 8.48 19.19 21.95
CA MET A 219 8.54 19.32 21.95
C MET A 219 7.80 20.26 22.77
C MET A 219 8.45 20.81 22.27
N GLY A 220 7.26 21.24 22.08
N GLY A 220 8.66 21.63 21.24
CA GLY A 220 6.46 22.26 22.70
CA GLY A 220 8.57 23.07 21.40
C GLY A 220 5.05 21.77 22.98
C GLY A 220 7.15 23.56 21.60
N GLU A 221 4.13 22.71 23.02
N GLU A 221 7.07 24.76 22.17
CA GLU A 221 2.72 22.41 23.12
CA GLU A 221 5.79 25.38 22.52
C GLU A 221 2.01 23.07 21.95
C GLU A 221 5.19 26.12 21.34
N VAL A 222 0.84 22.53 21.64
N VAL A 222 3.88 26.09 21.26
CA VAL A 222 0.07 22.96 20.49
CA VAL A 222 3.12 26.57 20.12
C VAL A 222 -0.69 24.23 20.85
C VAL A 222 2.44 27.87 20.51
N ASP A 223 -0.36 25.32 20.16
N ASP A 223 2.17 28.69 19.49
CA ASP A 223 -1.13 26.53 20.27
CA ASP A 223 1.41 29.91 19.64
C ASP A 223 -2.44 26.39 19.52
C ASP A 223 -0.08 29.59 19.64
N PRO A 224 -3.60 26.45 20.21
N PRO A 224 -0.88 30.44 20.27
CA PRO A 224 -4.88 26.20 19.54
CA PRO A 224 -2.32 30.19 20.32
C PRO A 224 -5.26 27.25 18.51
C PRO A 224 -2.96 30.33 18.94
N ASN A 225 -4.68 28.45 18.55
N ASN A 225 -4.05 29.58 18.74
CA ASN A 225 -4.89 29.46 17.51
CA ASN A 225 -4.82 29.51 17.49
C ASN A 225 -3.91 29.35 16.35
C ASN A 225 -3.91 29.32 16.28
N ALA A 226 -2.89 28.50 16.44
CA ALA A 226 -1.95 28.31 15.35
C ALA A 226 -2.59 27.51 14.23
N ASP A 227 -2.13 27.76 13.01
CA ASP A 227 -2.58 26.98 11.88
C ASP A 227 -1.75 25.70 11.76
N TYR A 228 -2.05 24.91 10.72
CA TYR A 228 -1.41 23.61 10.54
C TYR A 228 0.10 23.73 10.44
N ALA A 229 0.59 24.60 9.54
CA ALA A 229 2.03 24.73 9.33
C ALA A 229 2.72 25.35 10.54
N LYS A 230 2.11 26.37 11.14
CA LYS A 230 2.72 27.01 12.31
C LYS A 230 2.88 26.02 13.45
N ASN A 231 1.89 25.13 13.65
CA ASN A 231 1.98 24.12 14.68
C ASN A 231 3.17 23.20 14.45
N LEU A 232 3.39 22.78 13.19
CA LEU A 232 4.51 21.90 12.88
C LEU A 232 5.84 22.57 13.15
N VAL A 233 5.99 23.83 12.76
CA VAL A 233 7.26 24.52 12.92
C VAL A 233 7.53 24.83 14.39
N ASN A 234 6.50 25.24 15.13
CA ASN A 234 6.69 25.53 16.55
C ASN A 234 7.13 24.28 17.31
N LEU A 235 6.48 23.15 17.05
CA LEU A 235 6.86 21.91 17.72
C LEU A 235 8.25 21.44 17.30
N ILE A 236 8.61 21.66 16.04
CA ILE A 236 9.99 21.36 15.61
C ILE A 236 10.98 22.22 16.36
N GLY A 237 10.59 23.44 16.74
CA GLY A 237 11.38 24.21 17.68
C GLY A 237 11.73 25.62 17.25
N SER A 238 10.85 26.25 16.48
CA SER A 238 11.11 27.61 16.01
C SER A 238 9.84 28.43 16.09
N LYS A 239 10.02 29.73 16.39
CA LYS A 239 8.98 30.74 16.29
C LYS A 239 9.22 31.72 15.15
N ASP A 240 10.26 31.51 14.35
CA ASP A 240 10.54 32.33 13.18
C ASP A 240 9.34 32.34 12.24
N GLU A 241 8.76 33.52 12.03
CA GLU A 241 7.59 33.63 11.16
C GLU A 241 7.92 33.35 9.69
N ASP A 242 9.17 33.58 9.29
CA ASP A 242 9.56 33.24 7.92
C ASP A 242 9.64 31.74 7.72
N PHE A 243 10.14 31.02 8.73
CA PHE A 243 10.10 29.56 8.70
C PHE A 243 8.66 29.06 8.63
N VAL A 244 7.75 29.72 9.34
CA VAL A 244 6.34 29.34 9.31
C VAL A 244 5.76 29.59 7.92
N ASP A 245 6.13 30.70 7.28
CA ASP A 245 5.60 30.99 5.94
C ASP A 245 6.12 30.00 4.90
N LEU A 246 7.40 29.61 5.01
CA LEU A 246 7.94 28.61 4.09
C LEU A 246 7.16 27.30 4.18
N MET A 247 6.86 26.87 5.40
CA MET A 247 6.13 25.61 5.58
C MET A 247 4.69 25.73 5.10
N ARG A 248 4.10 26.93 5.19
CA ARG A 248 2.79 27.14 4.58
C ARG A 248 2.85 26.95 3.07
N LEU A 249 3.88 27.49 2.44
CA LEU A 249 4.07 27.30 1.00
C LEU A 249 4.43 25.85 0.69
N TYR A 250 5.35 25.27 1.47
CA TYR A 250 5.78 23.90 1.22
C TYR A 250 4.61 22.93 1.33
N LEU A 251 3.88 22.97 2.45
CA LEU A 251 2.81 22.01 2.66
C LEU A 251 1.68 22.19 1.65
N THR A 252 1.53 23.39 1.10
CA THR A 252 0.47 23.63 0.13
C THR A 252 0.81 22.99 -1.22
N ILE A 253 1.98 23.32 -1.77
CA ILE A 253 2.29 22.90 -3.13
C ILE A 253 2.57 21.41 -3.25
N HIS A 254 2.87 20.73 -2.14
CA HIS A 254 3.09 19.29 -2.14
C HIS A 254 1.83 18.50 -1.80
N SER A 255 0.68 19.17 -1.69
CA SER A 255 -0.50 18.52 -1.12
C SER A 255 -1.07 17.44 -2.03
N ASP A 256 -0.94 17.60 -3.33
CA ASP A 256 -1.62 16.70 -4.25
C ASP A 256 -0.99 16.77 -5.63
N HIS A 257 -0.88 15.62 -6.29
CA HIS A 257 -0.44 15.58 -7.67
C HIS A 257 -0.98 14.36 -8.40
N GLU A 258 -2.28 14.38 -8.74
CA GLU A 258 -2.96 13.31 -9.45
C GLU A 258 -2.98 12.00 -8.66
N GLY A 259 -3.68 11.00 -9.18
CA GLY A 259 -3.82 9.72 -8.51
C GLY A 259 -3.01 8.57 -9.06
N GLY A 260 -2.08 8.83 -10.00
CA GLY A 260 -1.30 7.76 -10.58
C GLY A 260 -0.03 7.43 -9.82
N ASN A 261 0.47 8.39 -9.04
CA ASN A 261 1.72 8.18 -8.32
C ASN A 261 1.53 7.10 -7.26
N VAL A 262 2.67 6.59 -6.76
CA VAL A 262 2.66 5.39 -5.93
C VAL A 262 1.91 5.61 -4.62
N SER A 263 2.20 6.72 -3.94
CA SER A 263 1.59 6.96 -2.63
C SER A 263 0.09 7.16 -2.74
N ALA A 264 -0.36 7.99 -3.69
CA ALA A 264 -1.79 8.20 -3.88
C ALA A 264 -2.49 6.92 -4.29
N HIS A 265 -1.89 6.19 -5.25
CA HIS A 265 -2.49 4.94 -5.72
C HIS A 265 -2.53 3.90 -4.62
N THR A 266 -1.49 3.82 -3.80
CA THR A 266 -1.45 2.84 -2.72
C THR A 266 -2.54 3.11 -1.69
N SER A 267 -2.68 4.37 -1.27
CA SER A 267 -3.70 4.72 -0.29
C SER A 267 -5.10 4.45 -0.83
N HIS A 268 -5.33 4.73 -2.11
CA HIS A 268 -6.62 4.43 -2.72
C HIS A 268 -6.85 2.93 -2.77
N LEU A 269 -5.80 2.15 -3.10
CA LEU A 269 -5.94 0.71 -3.20
C LEU A 269 -6.27 0.08 -1.85
N VAL A 270 -5.51 0.44 -0.81
CA VAL A 270 -5.78 -0.08 0.53
C VAL A 270 -7.12 0.42 1.03
N GLY A 271 -7.43 1.70 0.75
CA GLY A 271 -8.72 2.25 1.14
C GLY A 271 -9.92 1.63 0.44
N SER A 272 -9.72 1.07 -0.76
CA SER A 272 -10.83 0.50 -1.50
C SER A 272 -11.33 -0.81 -0.90
N ALA A 273 -10.51 -1.46 -0.08
CA ALA A 273 -10.94 -2.63 0.68
C ALA A 273 -11.55 -2.26 2.02
N LEU A 274 -11.82 -0.97 2.23
CA LEU A 274 -12.46 -0.42 3.42
C LEU A 274 -11.57 -0.42 4.64
N SER A 275 -10.25 -0.44 4.45
CA SER A 275 -9.35 -0.10 5.54
C SER A 275 -9.53 1.36 5.92
N SER A 276 -9.24 1.67 7.19
CA SER A 276 -9.47 3.00 7.72
C SER A 276 -8.50 4.00 7.09
N PRO A 277 -8.76 5.30 7.23
CA PRO A 277 -7.78 6.29 6.80
C PRO A 277 -6.39 6.10 7.42
N TYR A 278 -6.33 5.51 8.61
CA TYR A 278 -5.04 5.31 9.26
C TYR A 278 -4.21 4.27 8.52
N LEU A 279 -4.83 3.13 8.17
CA LEU A 279 -4.10 2.11 7.43
C LEU A 279 -3.87 2.54 5.98
N SER A 280 -4.80 3.30 5.40
CA SER A 280 -4.64 3.76 4.03
C SER A 280 -3.52 4.79 3.92
N LEU A 281 -3.45 5.74 4.87
CA LEU A 281 -2.36 6.71 4.84
C LEU A 281 -1.03 6.05 5.16
N ALA A 282 -1.01 5.16 6.17
CA ALA A 282 0.23 4.47 6.52
C ALA A 282 0.79 3.71 5.33
N SER A 283 -0.08 3.05 4.56
CA SER A 283 0.38 2.33 3.37
C SER A 283 0.88 3.28 2.30
N GLY A 284 0.16 4.39 2.09
CA GLY A 284 0.62 5.40 1.16
C GLY A 284 1.95 6.01 1.55
N LEU A 285 2.20 6.16 2.85
CA LEU A 285 3.48 6.69 3.30
C LEU A 285 4.61 5.72 2.98
N ASN A 286 4.35 4.41 3.11
CA ASN A 286 5.39 3.43 2.79
C ASN A 286 5.75 3.47 1.31
N GLY A 287 4.78 3.77 0.44
CA GLY A 287 5.10 3.96 -0.96
C GLY A 287 5.86 5.26 -1.20
N LEU A 288 5.49 6.32 -0.48
CA LEU A 288 6.24 7.57 -0.55
C LEU A 288 7.66 7.38 -0.04
N ALA A 289 7.86 6.43 0.86
CA ALA A 289 9.20 6.13 1.35
C ALA A 289 10.09 5.50 0.29
N GLY A 290 9.50 4.97 -0.78
CA GLY A 290 10.26 4.36 -1.85
C GLY A 290 11.23 5.33 -2.50
N PRO A 291 12.47 4.89 -2.70
CA PRO A 291 13.49 5.78 -3.29
C PRO A 291 13.11 6.33 -4.65
N LEU A 292 12.33 5.60 -5.44
CA LEU A 292 11.94 6.07 -6.76
C LEU A 292 10.76 7.03 -6.73
N HIS A 293 10.24 7.36 -5.55
CA HIS A 293 9.04 8.18 -5.45
C HIS A 293 9.24 9.44 -4.62
N GLY A 294 9.70 9.32 -3.37
CA GLY A 294 9.61 10.41 -2.43
C GLY A 294 10.88 11.10 -2.00
N ARG A 295 12.02 10.81 -2.63
CA ARG A 295 13.29 11.39 -2.19
C ARG A 295 13.96 12.18 -3.31
N ALA A 296 13.17 12.66 -4.28
CA ALA A 296 13.71 13.56 -5.30
C ALA A 296 14.29 14.82 -4.67
N ASN A 297 13.70 15.28 -3.56
CA ASN A 297 14.27 16.39 -2.80
C ASN A 297 15.70 16.07 -2.37
N GLN A 298 15.89 14.93 -1.71
CA GLN A 298 17.21 14.57 -1.19
C GLN A 298 18.21 14.38 -2.32
N GLU A 299 17.76 13.82 -3.44
CA GLU A 299 18.68 13.56 -4.56
C GLU A 299 19.24 14.86 -5.14
N VAL A 300 18.39 15.88 -5.29
CA VAL A 300 18.86 17.17 -5.79
C VAL A 300 19.88 17.77 -4.83
N LEU A 301 19.62 17.68 -3.52
CA LEU A 301 20.50 18.32 -2.54
C LEU A 301 21.87 17.67 -2.51
N GLU A 302 21.92 16.34 -2.61
CA GLU A 302 23.21 15.66 -2.66
C GLU A 302 23.99 16.01 -3.91
N TRP A 303 23.28 16.17 -5.04
CA TRP A 303 23.93 16.61 -6.26
C TRP A 303 24.41 18.06 -6.15
N LEU A 304 23.64 18.89 -5.45
CA LEU A 304 24.06 20.28 -5.23
C LEU A 304 25.32 20.35 -4.38
N PHE A 305 25.40 19.54 -3.32
CA PHE A 305 26.58 19.56 -2.46
C PHE A 305 27.79 18.95 -3.16
N ALA A 306 27.58 17.93 -3.99
CA ALA A 306 28.68 17.39 -4.78
C ALA A 306 29.17 18.40 -5.82
N LEU A 307 28.25 19.21 -6.36
CA LEU A 307 28.65 20.26 -7.28
C LEU A 307 29.35 21.40 -6.55
N LYS A 308 28.91 21.72 -5.33
CA LYS A 308 29.48 22.83 -4.59
C LYS A 308 30.91 22.56 -4.12
N GLU A 309 31.24 21.29 -3.88
CA GLU A 309 32.57 20.98 -3.37
C GLU A 309 33.65 21.13 -4.43
N GLU A 310 33.30 21.08 -5.72
CA GLU A 310 34.29 21.21 -6.77
C GLU A 310 34.37 22.61 -7.36
N VAL A 311 33.29 23.38 -7.30
CA VAL A 311 33.32 24.73 -7.86
C VAL A 311 33.76 25.79 -6.85
N ASN A 312 33.53 25.55 -5.55
CA ASN A 312 34.00 26.42 -4.47
C ASN A 312 33.65 27.89 -4.74
N ASP A 313 32.36 28.19 -4.54
CA ASP A 313 31.76 29.52 -4.65
C ASP A 313 31.72 30.05 -6.07
N ASP A 314 32.21 29.32 -7.07
CA ASP A 314 32.22 29.79 -8.45
C ASP A 314 30.92 29.34 -9.10
N TYR A 315 29.96 30.27 -9.21
CA TYR A 315 28.70 30.02 -9.89
C TYR A 315 28.64 30.69 -11.26
N SER A 316 29.80 30.87 -11.90
CA SER A 316 29.85 31.58 -13.17
C SER A 316 29.24 30.75 -14.29
N LYS A 317 28.89 31.44 -15.38
CA LYS A 317 28.25 30.78 -16.51
C LYS A 317 29.13 29.67 -17.08
N ASP A 318 30.43 29.92 -17.24
CA ASP A 318 31.29 28.94 -17.88
C ASP A 318 31.56 27.75 -16.98
N THR A 319 31.79 27.98 -15.69
CA THR A 319 32.10 26.88 -14.79
C THR A 319 30.90 25.95 -14.61
N ILE A 320 29.70 26.51 -14.50
CA ILE A 320 28.51 25.69 -14.31
C ILE A 320 28.16 24.96 -15.61
N GLU A 321 28.25 25.65 -16.75
CA GLU A 321 27.93 25.00 -18.02
C GLU A 321 28.88 23.84 -18.31
N LYS A 322 30.16 23.99 -17.94
CA LYS A 322 31.09 22.88 -18.10
C LYS A 322 30.69 21.69 -17.22
N TYR A 323 30.31 21.97 -15.97
CA TYR A 323 29.87 20.90 -15.08
C TYR A 323 28.60 20.23 -15.61
N LEU A 324 27.72 21.01 -16.23
CA LEU A 324 26.49 20.44 -16.77
C LEU A 324 26.76 19.63 -18.03
N TRP A 325 27.72 20.06 -18.86
CA TRP A 325 28.05 19.30 -20.05
C TRP A 325 28.76 17.99 -19.68
N ASP A 326 29.69 18.04 -18.72
CA ASP A 326 30.35 16.81 -18.28
C ASP A 326 29.36 15.84 -17.66
N THR A 327 28.31 16.36 -17.01
CA THR A 327 27.30 15.48 -16.43
C THR A 327 26.41 14.86 -17.51
N LEU A 328 25.98 15.68 -18.47
CA LEU A 328 25.12 15.17 -19.54
C LEU A 328 25.88 14.25 -20.49
N ASN A 329 27.16 14.50 -20.73
CA ASN A 329 27.95 13.68 -21.63
C ASN A 329 28.39 12.36 -20.99
N SER A 330 28.24 12.22 -19.67
CA SER A 330 28.64 11.00 -18.97
C SER A 330 27.46 10.07 -18.71
N GLY A 331 26.35 10.25 -19.41
CA GLY A 331 25.17 9.43 -19.24
C GLY A 331 24.27 9.84 -18.10
N ARG A 332 24.77 10.61 -17.13
CA ARG A 332 23.95 11.02 -16.01
C ARG A 332 22.97 12.11 -16.44
N VAL A 333 22.10 12.51 -15.51
CA VAL A 333 21.11 13.55 -15.74
C VAL A 333 21.25 14.60 -14.66
N ILE A 334 20.71 15.78 -14.94
CA ILE A 334 20.63 16.85 -13.95
C ILE A 334 19.40 16.60 -13.08
N PRO A 335 19.57 16.26 -11.80
CA PRO A 335 18.40 15.99 -10.95
C PRO A 335 17.48 17.19 -10.88
N GLY A 336 16.18 16.91 -10.92
CA GLY A 336 15.16 17.95 -10.85
C GLY A 336 14.86 18.64 -12.16
N TYR A 337 15.52 18.27 -13.26
CA TYR A 337 15.30 18.90 -14.55
C TYR A 337 14.82 17.87 -15.56
N GLY A 338 13.98 18.33 -16.49
CA GLY A 338 13.43 17.46 -17.51
C GLY A 338 12.08 16.88 -17.14
N HIS A 339 11.02 17.44 -17.73
CA HIS A 339 9.67 16.95 -17.52
C HIS A 339 9.29 15.97 -18.64
N ALA A 340 8.47 14.99 -18.27
CA ALA A 340 7.95 14.05 -19.27
C ALA A 340 6.81 14.65 -20.06
N VAL A 341 5.97 15.47 -19.43
CA VAL A 341 4.77 16.00 -20.07
C VAL A 341 4.70 17.51 -19.94
N LEU A 342 5.01 18.04 -18.75
CA LEU A 342 4.96 19.47 -18.52
C LEU A 342 5.90 20.20 -19.45
N ARG A 343 5.38 21.20 -20.17
CA ARG A 343 6.12 21.87 -21.24
C ARG A 343 6.73 23.20 -20.80
N LYS A 344 6.77 23.49 -19.51
CA LYS A 344 7.42 24.69 -19.02
C LYS A 344 7.95 24.42 -17.61
N THR A 345 8.53 25.46 -17.01
CA THR A 345 9.02 25.34 -15.64
C THR A 345 7.86 25.16 -14.68
N ASP A 346 8.00 24.19 -13.78
CA ASP A 346 6.99 23.93 -12.77
C ASP A 346 6.70 25.21 -11.99
N PRO A 347 5.46 25.71 -11.99
CA PRO A 347 5.14 26.90 -11.19
C PRO A 347 5.42 26.72 -9.71
N ARG A 348 5.54 25.48 -9.24
CA ARG A 348 5.94 25.24 -7.86
C ARG A 348 7.41 25.57 -7.66
N TYR A 349 8.25 25.31 -8.67
CA TYR A 349 9.63 25.74 -8.62
C TYR A 349 9.74 27.26 -8.56
N MET A 350 8.97 27.94 -9.41
CA MET A 350 9.00 29.40 -9.45
C MET A 350 8.50 29.99 -8.14
N ALA A 351 7.50 29.36 -7.51
CA ALA A 351 6.98 29.87 -6.25
C ALA A 351 8.02 29.79 -5.15
N GLN A 352 8.84 28.72 -5.15
CA GLN A 352 9.92 28.62 -4.18
C GLN A 352 11.07 29.54 -4.53
N ARG A 353 11.29 29.80 -5.83
CA ARG A 353 12.33 30.74 -6.24
C ARG A 353 11.98 32.16 -5.79
N LYS A 354 10.71 32.56 -5.91
CA LYS A 354 10.31 33.87 -5.44
C LYS A 354 10.49 34.00 -3.93
N PHE A 355 10.25 32.91 -3.20
CA PHE A 355 10.41 32.94 -1.75
C PHE A 355 11.87 33.18 -1.36
N ALA A 356 12.80 32.51 -2.03
CA ALA A 356 14.21 32.68 -1.71
C ALA A 356 14.71 34.08 -2.09
N MET A 357 14.21 34.63 -3.20
CA MET A 357 14.63 35.96 -3.61
C MET A 357 14.04 37.05 -2.72
N ASP A 358 12.93 36.78 -2.05
CA ASP A 358 12.35 37.76 -1.12
C ASP A 358 12.88 37.63 0.29
N HIS A 359 13.54 36.52 0.63
CA HIS A 359 13.93 36.25 2.00
C HIS A 359 15.44 36.11 2.19
N PHE A 360 16.14 35.43 1.28
CA PHE A 360 17.58 35.30 1.40
C PHE A 360 18.24 35.18 0.03
N PRO A 361 18.19 36.22 -0.80
CA PRO A 361 18.77 36.11 -2.15
C PRO A 361 20.27 35.89 -2.18
N ASP A 362 20.98 36.16 -1.08
CA ASP A 362 22.43 35.99 -1.04
C ASP A 362 22.87 34.70 -0.34
N TYR A 363 21.91 33.83 -0.02
CA TYR A 363 22.26 32.50 0.51
C TYR A 363 23.05 31.73 -0.53
N GLU A 364 24.24 31.27 -0.14
CA GLU A 364 25.16 30.66 -1.09
C GLU A 364 24.53 29.46 -1.80
N LEU A 365 23.83 28.62 -1.05
CA LEU A 365 23.22 27.42 -1.64
C LEU A 365 22.09 27.78 -2.59
N PHE A 366 21.40 28.90 -2.36
CA PHE A 366 20.39 29.34 -3.31
C PHE A 366 21.03 29.92 -4.57
N LYS A 367 22.04 30.79 -4.39
CA LYS A 367 22.73 31.36 -5.54
C LYS A 367 23.30 30.28 -6.45
N LEU A 368 23.67 29.13 -5.88
CA LEU A 368 24.06 28.00 -6.71
C LEU A 368 22.88 27.44 -7.47
N VAL A 369 21.73 27.29 -6.80
CA VAL A 369 20.52 26.82 -7.47
C VAL A 369 20.08 27.82 -8.54
N SER A 370 20.15 29.12 -8.22
CA SER A 370 19.74 30.13 -9.19
C SER A 370 20.67 30.15 -10.39
N SER A 371 21.96 29.89 -10.17
CA SER A 371 22.91 29.87 -11.29
C SER A 371 22.66 28.70 -12.22
N ILE A 372 22.24 27.56 -11.67
CA ILE A 372 21.88 26.42 -12.53
C ILE A 372 20.64 26.75 -13.36
N TYR A 373 19.64 27.39 -12.74
CA TYR A 373 18.43 27.74 -13.45
C TYR A 373 18.70 28.72 -14.59
N GLU A 374 19.77 29.51 -14.49
CA GLU A 374 20.07 30.50 -15.51
C GLU A 374 20.62 29.89 -16.79
N VAL A 375 21.21 28.69 -16.72
CA VAL A 375 21.91 28.12 -17.87
C VAL A 375 21.52 26.69 -18.17
N ALA A 376 20.96 25.92 -17.23
CA ALA A 376 20.69 24.50 -17.45
C ALA A 376 19.66 24.25 -18.56
N PRO A 377 18.58 25.04 -18.67
CA PRO A 377 17.68 24.85 -19.83
C PRO A 377 18.38 24.97 -21.17
N GLY A 378 19.33 25.90 -21.31
CA GLY A 378 20.02 26.05 -22.58
C GLY A 378 20.96 24.89 -22.88
N VAL A 379 21.65 24.38 -21.87
CA VAL A 379 22.57 23.27 -22.07
C VAL A 379 21.79 21.99 -22.40
N LEU A 380 20.70 21.74 -21.68
CA LEU A 380 19.88 20.57 -21.96
C LEU A 380 19.27 20.65 -23.35
N THR A 381 18.89 21.84 -23.79
CA THR A 381 18.39 22.02 -25.14
C THR A 381 19.48 21.75 -26.17
N GLU A 382 20.67 22.33 -25.96
CA GLU A 382 21.78 22.09 -26.87
C GLU A 382 22.21 20.63 -26.86
N HIS A 383 22.05 19.94 -25.72
CA HIS A 383 22.33 18.51 -25.68
C HIS A 383 21.37 17.74 -26.57
N GLY A 384 20.11 18.17 -26.62
CA GLY A 384 19.15 17.62 -27.57
C GLY A 384 18.47 16.34 -27.15
N LYS A 385 18.69 15.87 -25.92
CA LYS A 385 18.08 14.63 -25.45
C LYS A 385 17.03 14.88 -24.37
N THR A 386 16.53 16.10 -24.27
CA THR A 386 15.56 16.48 -23.25
C THR A 386 14.54 17.41 -23.90
N LYS A 387 13.28 16.95 -24.00
CA LYS A 387 12.27 17.72 -24.73
C LYS A 387 11.82 18.94 -23.95
N ASN A 388 11.68 18.81 -22.63
CA ASN A 388 11.21 19.89 -21.76
C ASN A 388 12.28 20.18 -20.73
N PRO A 389 13.27 21.04 -21.05
CA PRO A 389 14.44 21.23 -20.18
C PRO A 389 14.17 22.25 -19.07
N TRP A 390 13.22 21.92 -18.20
CA TRP A 390 12.79 22.84 -17.15
C TRP A 390 12.73 22.12 -15.82
N PRO A 391 12.91 22.85 -14.71
CA PRO A 391 12.96 22.22 -13.39
C PRO A 391 11.60 22.01 -12.76
N ASN A 392 11.55 21.08 -11.81
CA ASN A 392 10.34 20.75 -11.08
C ASN A 392 10.46 21.27 -9.64
N VAL A 393 9.45 20.91 -8.83
CA VAL A 393 9.39 21.40 -7.45
C VAL A 393 10.57 20.90 -6.63
N ASP A 394 11.05 19.69 -6.92
CA ASP A 394 12.06 19.05 -6.09
C ASP A 394 13.47 19.62 -6.28
N ALA A 395 13.69 20.41 -7.33
CA ALA A 395 14.99 21.04 -7.52
C ALA A 395 15.22 22.24 -6.62
N HIS A 396 14.18 22.75 -5.94
CA HIS A 396 14.28 23.99 -5.20
C HIS A 396 13.82 23.90 -3.76
N SER A 397 13.39 22.73 -3.28
CA SER A 397 12.80 22.62 -1.95
C SER A 397 13.86 22.43 -0.87
N GLY A 398 14.91 21.66 -1.17
CA GLY A 398 15.88 21.32 -0.13
C GLY A 398 16.69 22.51 0.34
N VAL A 399 17.03 23.42 -0.58
CA VAL A 399 17.84 24.58 -0.19
C VAL A 399 17.09 25.45 0.81
N LEU A 400 15.78 25.60 0.63
CA LEU A 400 14.99 26.41 1.56
C LEU A 400 14.91 25.74 2.92
N LEU A 401 14.76 24.41 2.95
CA LEU A 401 14.72 23.70 4.22
C LEU A 401 16.07 23.79 4.94
N GLN A 402 17.17 23.66 4.20
CA GLN A 402 18.50 23.81 4.78
C GLN A 402 18.67 25.19 5.42
N TYR A 403 18.11 26.22 4.78
CA TYR A 403 18.31 27.58 5.26
C TYR A 403 17.76 27.76 6.67
N TYR A 404 16.67 27.09 7.01
CA TYR A 404 16.04 27.26 8.32
C TYR A 404 16.45 26.17 9.31
N GLY A 405 17.55 25.48 9.04
CA GLY A 405 18.07 24.49 9.97
C GLY A 405 17.53 23.09 9.81
N LEU A 406 16.61 22.86 8.87
CA LEU A 406 16.17 21.50 8.54
C LEU A 406 17.20 20.88 7.61
N LYS A 407 18.35 20.51 8.19
CA LYS A 407 19.49 20.03 7.43
C LYS A 407 19.53 18.51 7.31
N GLU A 408 18.66 17.79 8.02
CA GLU A 408 18.67 16.33 8.03
C GLU A 408 17.76 15.83 6.93
N SER A 409 18.34 15.49 5.77
CA SER A 409 17.55 15.15 4.60
C SER A 409 16.76 13.86 4.77
N SER A 410 17.17 12.98 5.68
CA SER A 410 16.40 11.76 5.95
C SER A 410 15.06 12.06 6.61
N PHE A 411 14.74 13.33 6.85
CA PHE A 411 13.45 13.75 7.38
C PHE A 411 12.58 14.39 6.32
N TYR A 412 13.11 14.64 5.11
CA TYR A 412 12.39 15.42 4.11
C TYR A 412 11.14 14.70 3.62
N THR A 413 11.22 13.38 3.44
CA THR A 413 10.04 12.63 2.98
C THR A 413 8.94 12.64 4.03
N VAL A 414 9.29 12.78 5.30
CA VAL A 414 8.28 12.96 6.35
C VAL A 414 7.50 14.25 6.12
N LEU A 415 8.21 15.33 5.81
CA LEU A 415 7.53 16.60 5.51
C LEU A 415 6.67 16.47 4.25
N PHE A 416 7.19 15.78 3.23
CA PHE A 416 6.38 15.46 2.05
C PHE A 416 5.10 14.73 2.45
N GLY A 417 5.20 13.77 3.37
CA GLY A 417 4.03 13.03 3.80
C GLY A 417 3.05 13.86 4.59
N VAL A 418 3.55 14.83 5.37
CA VAL A 418 2.66 15.72 6.13
C VAL A 418 1.83 16.57 5.16
N SER A 419 2.37 16.85 3.99
CA SER A 419 1.67 17.64 2.97
C SER A 419 0.74 16.79 2.11
N ARG A 420 1.28 15.74 1.49
CA ARG A 420 0.51 14.93 0.55
C ARG A 420 -0.66 14.23 1.22
N ALA A 421 -0.64 14.08 2.54
CA ALA A 421 -1.77 13.47 3.24
C ALA A 421 -3.06 14.26 3.05
N PHE A 422 -2.95 15.57 2.79
CA PHE A 422 -4.13 16.36 2.49
C PHE A 422 -4.83 15.84 1.24
N GLY A 423 -4.10 15.72 0.13
CA GLY A 423 -4.71 15.24 -1.09
C GLY A 423 -5.13 13.79 -1.01
N ILE A 424 -4.36 12.98 -0.26
CA ILE A 424 -4.69 11.56 -0.13
C ILE A 424 -6.00 11.38 0.62
N LEU A 425 -6.18 12.09 1.73
CA LEU A 425 -7.38 11.92 2.54
C LEU A 425 -8.59 12.58 1.90
N ALA A 426 -8.40 13.64 1.12
CA ALA A 426 -9.53 14.26 0.43
C ALA A 426 -10.16 13.28 -0.56
N GLN A 427 -9.33 12.63 -1.38
CA GLN A 427 -9.85 11.65 -2.32
C GLN A 427 -10.41 10.43 -1.60
N LEU A 428 -9.83 10.05 -0.45
CA LEU A 428 -10.35 8.92 0.30
C LEU A 428 -11.76 9.21 0.82
N ILE A 429 -11.98 10.41 1.34
CA ILE A 429 -13.32 10.81 1.78
C ILE A 429 -14.27 10.80 0.60
N THR A 430 -13.84 11.32 -0.55
CA THR A 430 -14.69 11.36 -1.73
C THR A 430 -15.01 9.95 -2.24
N ASP A 431 -14.04 9.04 -2.16
CA ASP A 431 -14.27 7.67 -2.63
C ASP A 431 -15.33 6.97 -1.80
N ARG A 432 -15.32 7.19 -0.48
CA ARG A 432 -16.36 6.61 0.37
C ARG A 432 -17.69 7.31 0.18
N ALA A 433 -17.67 8.60 -0.16
CA ALA A 433 -18.91 9.33 -0.37
C ALA A 433 -19.68 8.81 -1.58
N ILE A 434 -18.97 8.42 -2.63
CA ILE A 434 -19.60 7.91 -3.84
C ILE A 434 -19.65 6.38 -3.87
N GLY A 435 -19.08 5.72 -2.88
CA GLY A 435 -19.11 4.27 -2.83
C GLY A 435 -18.25 3.64 -3.90
N ALA A 436 -17.02 4.14 -4.05
CA ALA A 436 -16.10 3.59 -5.03
C ALA A 436 -15.80 2.13 -4.70
N SER A 437 -15.68 1.32 -5.75
CA SER A 437 -15.53 -0.11 -5.57
C SER A 437 -14.08 -0.49 -5.29
N ILE A 438 -13.89 -1.73 -4.88
CA ILE A 438 -12.56 -2.25 -4.57
C ILE A 438 -11.76 -2.36 -5.86
N GLU A 439 -10.50 -1.91 -5.82
CA GLU A 439 -9.64 -2.00 -6.99
C GLU A 439 -9.06 -3.40 -7.06
N ARG A 440 -9.49 -4.16 -8.08
CA ARG A 440 -9.02 -5.54 -8.25
C ARG A 440 -8.95 -5.85 -9.73
N PRO A 441 -7.80 -5.59 -10.35
CA PRO A 441 -7.58 -6.03 -11.73
C PRO A 441 -7.26 -7.53 -11.76
N LYS A 442 -7.04 -8.04 -12.97
CA LYS A 442 -6.72 -9.44 -13.18
C LYS A 442 -5.23 -9.60 -13.44
N SER A 443 -4.67 -10.71 -12.97
CA SER A 443 -3.26 -11.01 -13.16
C SER A 443 -3.10 -12.30 -13.95
N TYR A 444 -1.97 -12.39 -14.64
CA TYR A 444 -1.56 -13.62 -15.33
C TYR A 444 -0.06 -13.80 -15.14
N SER A 445 0.37 -15.05 -15.26
CA SER A 445 1.80 -15.31 -15.35
C SER A 445 2.30 -15.00 -16.76
N THR A 446 3.62 -14.87 -16.90
CA THR A 446 4.20 -14.67 -18.21
C THR A 446 3.87 -15.84 -19.15
N GLU A 447 3.91 -17.05 -18.62
CA GLU A 447 3.50 -18.22 -19.39
C GLU A 447 2.07 -18.06 -19.91
N LYS A 448 1.17 -17.53 -19.08
CA LYS A 448 -0.21 -17.36 -19.51
C LYS A 448 -0.35 -16.19 -20.47
N TYR A 449 0.42 -15.12 -20.28
CA TYR A 449 0.37 -14.00 -21.20
C TYR A 449 0.82 -14.40 -22.60
N LYS A 450 1.86 -15.25 -22.68
CA LYS A 450 2.29 -15.76 -23.98
C LYS A 450 1.21 -16.59 -24.64
N GLU A 451 0.38 -17.29 -23.85
CA GLU A 451 -0.77 -18.01 -24.40
C GLU A 451 -1.80 -17.04 -24.95
N LEU A 452 -2.20 -16.05 -24.16
CA LEU A 452 -3.18 -15.07 -24.60
C LEU A 452 -2.73 -14.36 -25.87
N VAL A 453 -1.47 -13.94 -25.90
CA VAL A 453 -0.96 -13.19 -27.05
C VAL A 453 -0.92 -14.09 -28.30
N LYS A 454 -0.54 -15.35 -28.12
CA LYS A 454 -0.52 -16.27 -29.26
C LYS A 454 -1.91 -16.46 -29.84
N ASN A 455 -2.91 -16.66 -28.97
CA ASN A 455 -4.28 -16.86 -29.45
C ASN A 455 -4.83 -15.60 -30.11
N ILE A 456 -4.42 -14.41 -29.65
CA ILE A 456 -4.90 -13.18 -30.25
C ILE A 456 -4.30 -12.99 -31.64
N GLU A 457 -2.99 -13.20 -31.77
CA GLU A 457 -2.29 -12.93 -33.01
C GLU A 457 -2.57 -13.94 -34.11
N SER A 458 -3.30 -15.02 -33.81
CA SER A 458 -3.59 -16.05 -34.80
C SER A 458 -5.05 -16.10 -35.22
N LYS A 459 -5.87 -15.15 -34.75
CA LYS A 459 -7.28 -15.10 -35.15
C LYS A 459 -7.44 -14.88 -36.64
N GLN B 22 27.33 -30.94 -1.52
CA GLN B 22 26.09 -30.47 -0.93
C GLN B 22 25.18 -29.86 -2.00
N GLU B 23 23.87 -29.95 -1.79
CA GLU B 23 22.92 -29.47 -2.78
C GLU B 23 22.87 -27.95 -2.81
N LYS B 24 22.32 -27.42 -3.90
CA LYS B 24 22.20 -25.98 -4.07
C LYS B 24 21.19 -25.39 -3.10
N THR B 25 21.46 -24.17 -2.66
CA THR B 25 20.52 -23.44 -1.82
C THR B 25 19.45 -22.77 -2.68
N LEU B 26 18.46 -22.20 -2.00
CA LEU B 26 17.41 -21.46 -2.70
C LEU B 26 17.99 -20.26 -3.43
N LYS B 27 18.88 -19.52 -2.78
CA LYS B 27 19.48 -18.35 -3.41
C LYS B 27 20.34 -18.75 -4.60
N GLU B 28 21.08 -19.85 -4.49
CA GLU B 28 21.95 -20.27 -5.58
C GLU B 28 21.17 -20.78 -6.77
N ARG B 29 20.10 -21.54 -6.54
CA ARG B 29 19.30 -22.04 -7.66
C ARG B 29 18.54 -20.90 -8.34
N PHE B 30 18.01 -19.97 -7.55
CA PHE B 30 17.28 -18.84 -8.14
C PHE B 30 18.21 -17.98 -8.98
N SER B 31 19.45 -17.75 -8.51
CA SER B 31 20.40 -16.95 -9.27
C SER B 31 20.71 -17.57 -10.63
N GLU B 32 20.49 -18.86 -10.79
CA GLU B 32 20.64 -19.51 -12.09
C GLU B 32 19.37 -19.43 -12.93
N ILE B 33 18.21 -19.23 -12.31
CA ILE B 33 16.95 -19.33 -13.02
C ILE B 33 16.47 -17.98 -13.55
N TYR B 34 16.58 -16.92 -12.74
CA TYR B 34 16.02 -15.64 -13.16
C TYR B 34 16.64 -15.05 -14.42
N PRO B 35 17.94 -15.20 -14.72
CA PRO B 35 18.43 -14.69 -16.01
C PRO B 35 17.71 -15.28 -17.20
N ILE B 36 17.30 -16.54 -17.13
CA ILE B 36 16.54 -17.15 -18.22
C ILE B 36 15.15 -16.51 -18.30
N HIS B 37 14.50 -16.34 -17.14
CA HIS B 37 13.18 -15.73 -17.12
C HIS B 37 13.23 -14.29 -17.62
N ALA B 38 14.30 -13.56 -17.31
CA ALA B 38 14.41 -12.17 -17.72
C ALA B 38 14.59 -12.04 -19.23
N GLN B 39 15.44 -12.87 -19.82
CA GLN B 39 15.65 -12.82 -21.27
C GLN B 39 14.38 -13.21 -22.01
N ASP B 40 13.62 -14.17 -21.47
CA ASP B 40 12.37 -14.57 -22.10
C ASP B 40 11.33 -13.46 -22.00
N VAL B 41 11.25 -12.79 -20.86
CA VAL B 41 10.36 -11.64 -20.73
C VAL B 41 10.79 -10.53 -21.68
N ARG B 42 12.09 -10.27 -21.76
CA ARG B 42 12.59 -9.17 -22.59
C ARG B 42 12.27 -9.39 -24.06
N GLN B 43 12.52 -10.59 -24.57
CA GLN B 43 12.24 -10.86 -25.98
C GLN B 43 10.75 -10.90 -26.24
N PHE B 44 9.97 -11.39 -25.28
CA PHE B 44 8.52 -11.45 -25.44
C PHE B 44 7.93 -10.04 -25.59
N VAL B 45 8.35 -9.11 -24.73
CA VAL B 45 7.81 -7.75 -24.80
C VAL B 45 8.36 -7.01 -26.02
N LYS B 46 9.60 -7.25 -26.41
CA LYS B 46 10.16 -6.55 -27.56
C LYS B 46 9.45 -6.95 -28.85
N GLU B 47 9.06 -8.22 -28.97
CA GLU B 47 8.39 -8.69 -30.18
C GLU B 47 6.89 -8.45 -30.15
N HIS B 48 6.24 -8.67 -29.01
CA HIS B 48 4.79 -8.65 -28.92
C HIS B 48 4.25 -7.48 -28.09
N GLY B 49 5.10 -6.52 -27.73
CA GLY B 49 4.66 -5.43 -26.86
C GLY B 49 3.48 -4.64 -27.41
N LYS B 50 3.42 -4.48 -28.73
CA LYS B 50 2.35 -3.68 -29.34
C LYS B 50 1.04 -4.43 -29.51
N THR B 51 1.00 -5.71 -29.13
CA THR B 51 -0.24 -6.48 -29.27
C THR B 51 -1.25 -6.03 -28.22
N LYS B 52 -2.47 -5.75 -28.67
CA LYS B 52 -3.54 -5.33 -27.77
C LYS B 52 -4.16 -6.56 -27.10
N ILE B 53 -4.18 -6.57 -25.77
CA ILE B 53 -4.71 -7.70 -25.03
C ILE B 53 -6.03 -7.39 -24.33
N SER B 54 -6.45 -6.13 -24.27
CA SER B 54 -7.72 -5.80 -23.64
C SER B 54 -8.07 -4.35 -23.97
N ASP B 55 -9.34 -4.02 -23.73
CA ASP B 55 -9.83 -2.65 -23.78
C ASP B 55 -9.97 -2.10 -22.36
N VAL B 56 -10.07 -0.78 -22.26
CA VAL B 56 -10.43 -0.11 -21.02
C VAL B 56 -11.75 0.61 -21.26
N LEU B 57 -12.82 0.10 -20.67
CA LEU B 57 -14.10 0.77 -20.73
C LEU B 57 -14.21 1.80 -19.60
N LEU B 58 -15.05 2.80 -19.82
CA LEU B 58 -15.26 3.83 -18.80
C LEU B 58 -15.76 3.22 -17.50
N GLU B 59 -16.63 2.22 -17.58
CA GLU B 59 -17.16 1.56 -16.39
C GLU B 59 -16.09 0.78 -15.64
N GLN B 60 -14.95 0.51 -16.27
CA GLN B 60 -13.89 -0.24 -15.60
C GLN B 60 -13.01 0.68 -14.76
N VAL B 61 -12.63 1.84 -15.28
CA VAL B 61 -11.86 2.78 -14.46
C VAL B 61 -12.72 3.35 -13.34
N TYR B 62 -14.03 3.36 -13.51
CA TYR B 62 -14.97 3.69 -12.45
C TYR B 62 -15.48 2.46 -11.72
N GLY B 63 -14.88 1.29 -11.95
CA GLY B 63 -15.30 0.07 -11.31
C GLY B 63 -14.14 -0.78 -10.80
N GLY B 64 -13.08 -0.13 -10.32
CA GLY B 64 -11.97 -0.84 -9.73
C GLY B 64 -11.12 -1.63 -10.70
N MET B 65 -11.16 -1.30 -11.99
CA MET B 65 -10.38 -1.98 -13.03
C MET B 65 -10.69 -3.47 -13.09
N ARG B 66 -11.95 -3.83 -12.85
CA ARG B 66 -12.34 -5.24 -12.88
C ARG B 66 -12.20 -5.80 -14.28
N GLY B 67 -11.58 -6.97 -14.40
CA GLY B 67 -11.36 -7.60 -15.68
C GLY B 67 -10.21 -7.03 -16.48
N ILE B 68 -9.46 -6.08 -15.94
CA ILE B 68 -8.32 -5.48 -16.63
C ILE B 68 -7.07 -6.29 -16.35
N PRO B 69 -6.33 -6.70 -17.38
CA PRO B 69 -5.00 -7.27 -17.13
C PRO B 69 -4.04 -6.19 -16.65
N GLY B 70 -3.72 -6.18 -15.36
CA GLY B 70 -2.89 -5.12 -14.82
C GLY B 70 -1.79 -5.60 -13.90
N SER B 71 -1.50 -6.90 -13.94
CA SER B 71 -0.51 -7.47 -13.05
C SER B 71 0.18 -8.66 -13.71
N VAL B 72 1.49 -8.76 -13.51
CA VAL B 72 2.27 -9.92 -13.90
C VAL B 72 2.65 -10.65 -12.62
N TRP B 73 2.06 -11.82 -12.39
CA TRP B 73 2.26 -12.60 -11.17
C TRP B 73 2.56 -14.03 -11.57
N GLU B 74 3.82 -14.44 -11.39
CA GLU B 74 4.25 -15.76 -11.89
C GLU B 74 3.85 -16.89 -10.96
N GLY B 75 3.76 -16.64 -9.65
CA GLY B 75 3.65 -17.73 -8.69
C GLY B 75 2.41 -18.59 -8.90
N SER B 76 1.25 -17.96 -9.06
CA SER B 76 -0.01 -18.69 -9.04
C SER B 76 -0.97 -18.16 -10.10
N VAL B 77 -1.76 -19.06 -10.65
CA VAL B 77 -2.80 -18.76 -11.64
C VAL B 77 -4.01 -19.62 -11.33
N LEU B 78 -5.20 -19.03 -11.41
CA LEU B 78 -6.43 -19.76 -11.11
C LEU B 78 -6.89 -20.52 -12.35
N ASP B 79 -6.92 -21.85 -12.25
CA ASP B 79 -7.46 -22.70 -13.30
C ASP B 79 -8.96 -22.84 -13.11
N PRO B 80 -9.80 -22.39 -14.05
CA PRO B 80 -11.25 -22.42 -13.82
C PRO B 80 -11.82 -23.82 -13.63
N GLU B 81 -11.12 -24.86 -14.05
CA GLU B 81 -11.58 -26.23 -13.87
C GLU B 81 -10.94 -26.93 -12.69
N ASP B 82 -9.68 -26.63 -12.38
CA ASP B 82 -8.90 -27.40 -11.42
C ASP B 82 -8.47 -26.61 -10.19
N GLY B 83 -8.93 -25.37 -10.06
CA GLY B 83 -8.56 -24.56 -8.91
C GLY B 83 -7.25 -23.82 -9.12
N ILE B 84 -6.73 -23.27 -8.02
CA ILE B 84 -5.52 -22.47 -8.08
C ILE B 84 -4.32 -23.38 -8.34
N ARG B 85 -3.45 -22.94 -9.24
CA ARG B 85 -2.25 -23.68 -9.62
C ARG B 85 -1.02 -22.91 -9.17
N PHE B 86 -0.13 -23.58 -8.44
CA PHE B 86 1.14 -23.01 -8.02
C PHE B 86 2.21 -23.44 -9.00
N ARG B 87 2.62 -22.51 -9.89
CA ARG B 87 3.60 -22.81 -10.93
C ARG B 87 3.16 -24.03 -11.75
N GLY B 88 1.87 -24.09 -12.05
CA GLY B 88 1.31 -25.20 -12.81
C GLY B 88 0.81 -26.36 -11.98
N ARG B 89 1.12 -26.42 -10.69
CA ARG B 89 0.76 -27.54 -9.84
C ARG B 89 -0.55 -27.25 -9.12
N THR B 90 -1.47 -28.22 -9.18
CA THR B 90 -2.72 -28.13 -8.43
C THR B 90 -2.49 -28.41 -6.96
N ILE B 91 -3.56 -28.37 -6.18
CA ILE B 91 -3.46 -28.75 -4.76
C ILE B 91 -3.10 -30.21 -4.63
N ALA B 92 -3.70 -31.07 -5.46
CA ALA B 92 -3.36 -32.49 -5.42
C ALA B 92 -1.92 -32.73 -5.85
N ASP B 93 -1.43 -31.91 -6.79
CA ASP B 93 -0.04 -32.08 -7.25
C ASP B 93 0.95 -31.77 -6.14
N ILE B 94 0.74 -30.67 -5.42
CA ILE B 94 1.71 -30.29 -4.39
C ILE B 94 1.57 -31.17 -3.15
N GLN B 95 0.38 -31.72 -2.91
CA GLN B 95 0.22 -32.68 -1.82
C GLN B 95 1.05 -33.94 -2.07
N LYS B 96 1.28 -34.27 -3.34
CA LYS B 96 2.04 -35.46 -3.69
C LYS B 96 3.53 -35.18 -3.87
N ASP B 97 3.88 -34.05 -4.50
CA ASP B 97 5.25 -33.82 -4.94
C ASP B 97 6.12 -33.10 -3.92
N LEU B 98 5.54 -32.19 -3.13
CA LEU B 98 6.34 -31.39 -2.22
C LEU B 98 6.85 -32.24 -1.05
N PRO B 99 8.05 -31.96 -0.56
CA PRO B 99 8.56 -32.65 0.63
C PRO B 99 7.67 -32.40 1.83
N LYS B 100 7.74 -33.33 2.78
CA LYS B 100 6.95 -33.28 4.00
C LYS B 100 7.86 -33.45 5.21
N ALA B 101 7.36 -33.04 6.36
CA ALA B 101 8.07 -33.29 7.60
C ALA B 101 8.02 -34.78 7.94
N LYS B 102 9.06 -35.26 8.62
CA LYS B 102 9.18 -36.68 8.91
C LYS B 102 8.01 -37.15 9.76
N GLY B 103 7.31 -38.18 9.27
CA GLY B 103 6.13 -38.70 9.92
C GLY B 103 4.84 -38.00 9.58
N SER B 104 4.90 -36.95 8.76
CA SER B 104 3.73 -36.15 8.42
C SER B 104 3.34 -36.37 6.97
N SER B 105 2.04 -36.27 6.70
CA SER B 105 1.51 -36.37 5.35
C SER B 105 1.15 -35.01 4.76
N GLN B 106 1.55 -33.91 5.42
CA GLN B 106 1.17 -32.58 4.98
C GLN B 106 2.31 -31.88 4.25
N PRO B 107 2.00 -31.06 3.26
CA PRO B 107 3.05 -30.31 2.57
C PRO B 107 3.57 -29.18 3.45
N LEU B 108 4.86 -28.91 3.31
CA LEU B 108 5.49 -27.85 4.12
C LEU B 108 5.42 -26.52 3.37
N PRO B 109 4.99 -25.44 4.03
CA PRO B 109 4.96 -24.14 3.35
C PRO B 109 6.31 -23.69 2.83
N GLU B 110 7.40 -24.03 3.53
CA GLU B 110 8.73 -23.69 3.02
C GLU B 110 8.99 -24.34 1.67
N ALA B 111 8.44 -25.54 1.45
CA ALA B 111 8.60 -26.21 0.16
C ALA B 111 7.84 -25.48 -0.93
N LEU B 112 6.62 -25.02 -0.63
CA LEU B 112 5.86 -24.26 -1.63
C LEU B 112 6.56 -22.95 -1.96
N PHE B 113 7.21 -22.33 -0.98
CA PHE B 113 7.94 -21.09 -1.25
C PHE B 113 9.07 -21.32 -2.23
N TRP B 114 9.83 -22.41 -2.06
CA TRP B 114 10.84 -22.79 -3.03
C TRP B 114 10.23 -22.93 -4.42
N LEU B 115 9.10 -23.61 -4.51
CA LEU B 115 8.45 -23.81 -5.80
C LEU B 115 7.96 -22.48 -6.39
N LEU B 116 7.37 -21.63 -5.56
CA LEU B 116 6.84 -20.36 -6.07
C LEU B 116 7.93 -19.47 -6.64
N LEU B 117 9.14 -19.53 -6.07
CA LEU B 117 10.24 -18.66 -6.48
C LEU B 117 11.00 -19.21 -7.68
N THR B 118 11.23 -20.52 -7.73
CA THR B 118 12.05 -21.12 -8.78
C THR B 118 11.24 -21.85 -9.84
N GLY B 119 10.01 -22.25 -9.54
CA GLY B 119 9.25 -23.09 -10.44
C GLY B 119 9.61 -24.56 -10.37
N GLU B 120 10.43 -24.96 -9.42
CA GLU B 120 10.92 -26.33 -9.33
C GLU B 120 10.66 -26.86 -7.92
N VAL B 121 10.58 -28.19 -7.84
CA VAL B 121 10.26 -28.87 -6.59
C VAL B 121 11.56 -29.14 -5.84
N PRO B 122 11.70 -28.69 -4.60
CA PRO B 122 12.93 -28.93 -3.85
C PRO B 122 13.00 -30.35 -3.30
N THR B 123 14.21 -30.74 -2.92
CA THR B 123 14.42 -32.03 -2.28
C THR B 123 14.16 -31.93 -0.79
N GLN B 124 14.08 -33.11 -0.14
CA GLN B 124 13.88 -33.15 1.30
C GLN B 124 14.99 -32.40 2.03
N ALA B 125 16.24 -32.62 1.62
CA ALA B 125 17.36 -31.96 2.29
C ALA B 125 17.36 -30.46 2.02
N GLN B 126 16.89 -30.03 0.86
CA GLN B 126 16.85 -28.60 0.56
C GLN B 126 15.82 -27.88 1.40
N VAL B 127 14.66 -28.51 1.62
CA VAL B 127 13.62 -27.89 2.45
C VAL B 127 14.07 -27.81 3.90
N GLU B 128 14.73 -28.85 4.39
CA GLU B 128 15.17 -28.86 5.78
C GLU B 128 16.25 -27.81 6.03
N ASN B 129 17.18 -27.65 5.08
CA ASN B 129 18.19 -26.60 5.23
C ASN B 129 17.56 -25.22 5.09
N LEU B 130 16.49 -25.08 4.31
CA LEU B 130 15.78 -23.80 4.22
C LEU B 130 15.02 -23.51 5.51
N SER B 131 14.40 -24.52 6.10
CA SER B 131 13.73 -24.35 7.38
C SER B 131 14.72 -23.95 8.47
N ALA B 132 15.90 -24.57 8.47
CA ALA B 132 16.92 -24.23 9.46
C ALA B 132 17.43 -22.80 9.24
N ASP B 133 17.51 -22.37 7.99
CA ASP B 133 17.96 -21.01 7.72
C ASP B 133 16.94 -19.97 8.19
N LEU B 134 15.65 -20.25 7.96
CA LEU B 134 14.61 -19.33 8.43
C LEU B 134 14.62 -19.24 9.94
N MET B 135 14.84 -20.36 10.63
CA MET B 135 14.86 -20.36 12.09
C MET B 135 16.07 -19.60 12.63
N SER B 136 17.20 -19.63 11.93
CA SER B 136 18.37 -18.89 12.38
C SER B 136 18.17 -17.38 12.28
N ARG B 137 17.20 -16.93 11.48
CA ARG B 137 16.91 -15.51 11.32
C ARG B 137 15.69 -15.08 12.12
N SER B 138 15.17 -15.94 12.99
CA SER B 138 13.87 -15.73 13.63
C SER B 138 13.93 -14.92 14.92
N GLU B 139 15.12 -14.47 15.33
CA GLU B 139 15.26 -13.77 16.60
C GLU B 139 14.83 -12.31 16.45
N LEU B 140 13.77 -11.93 17.16
CA LEU B 140 13.27 -10.57 17.09
C LEU B 140 14.23 -9.62 17.78
N PRO B 141 14.59 -8.49 17.16
CA PRO B 141 15.38 -7.48 17.87
C PRO B 141 14.60 -6.89 19.04
N SER B 142 15.35 -6.40 20.03
CA SER B 142 14.74 -6.03 21.31
C SER B 142 13.74 -4.88 21.17
N HIS B 143 14.00 -3.93 20.27
CA HIS B 143 13.06 -2.81 20.12
C HIS B 143 11.74 -3.26 19.49
N VAL B 144 11.73 -4.39 18.79
CA VAL B 144 10.47 -4.95 18.30
C VAL B 144 9.74 -5.68 19.42
N VAL B 145 10.49 -6.39 20.28
CA VAL B 145 9.90 -7.03 21.44
C VAL B 145 9.31 -5.99 22.38
N GLN B 146 10.07 -4.94 22.66
CA GLN B 146 9.58 -3.86 23.51
C GLN B 146 8.35 -3.20 22.91
N LEU B 147 8.40 -2.89 21.62
CA LEU B 147 7.28 -2.23 20.95
C LEU B 147 6.01 -3.05 21.06
N LEU B 148 6.10 -4.35 20.74
CA LEU B 148 4.91 -5.19 20.77
C LEU B 148 4.35 -5.34 22.18
N ASP B 149 5.23 -5.45 23.18
CA ASP B 149 4.77 -5.67 24.55
C ASP B 149 4.05 -4.45 25.11
N ASN B 150 4.38 -3.25 24.63
CA ASN B 150 3.77 -2.03 25.14
C ASN B 150 2.55 -1.58 24.36
N LEU B 151 2.26 -2.20 23.23
CA LEU B 151 1.05 -1.86 22.49
C LEU B 151 -0.19 -2.25 23.29
N PRO B 152 -1.22 -1.43 23.31
CA PRO B 152 -2.42 -1.75 24.09
C PRO B 152 -3.17 -2.93 23.50
N LYS B 153 -3.80 -3.71 24.38
CA LYS B 153 -4.50 -4.92 23.96
C LYS B 153 -5.64 -4.63 22.98
N ASP B 154 -6.20 -3.42 23.00
CA ASP B 154 -7.30 -3.09 22.11
C ASP B 154 -6.86 -2.65 20.72
N LEU B 155 -5.56 -2.50 20.49
CA LEU B 155 -5.05 -2.26 19.14
C LEU B 155 -5.16 -3.55 18.34
N HIS B 156 -5.85 -3.49 17.20
CA HIS B 156 -6.19 -4.68 16.45
C HIS B 156 -4.92 -5.47 16.11
N PRO B 157 -4.97 -6.81 16.13
CA PRO B 157 -3.76 -7.60 15.86
C PRO B 157 -3.14 -7.31 14.50
N MET B 158 -3.96 -7.09 13.46
CA MET B 158 -3.40 -6.78 12.15
C MET B 158 -2.63 -5.47 12.18
N ALA B 159 -3.11 -4.49 12.95
CA ALA B 159 -2.37 -3.24 13.10
C ALA B 159 -1.04 -3.47 13.80
N GLN B 160 -1.06 -4.28 14.87
CA GLN B 160 0.20 -4.66 15.53
C GLN B 160 1.09 -5.46 14.60
N PHE B 161 0.50 -6.27 13.73
CA PHE B 161 1.28 -7.10 12.81
C PHE B 161 2.11 -6.23 11.86
N SER B 162 1.47 -5.26 11.21
CA SER B 162 2.19 -4.41 10.27
C SER B 162 3.08 -3.40 10.97
N ILE B 163 2.73 -3.00 12.19
CA ILE B 163 3.63 -2.14 12.97
C ILE B 163 4.94 -2.85 13.24
N ALA B 164 4.87 -4.11 13.69
CA ALA B 164 6.08 -4.86 14.01
C ALA B 164 6.92 -5.12 12.77
N VAL B 165 6.28 -5.40 11.64
CA VAL B 165 7.01 -5.62 10.40
C VAL B 165 7.71 -4.34 9.97
N THR B 166 7.02 -3.20 10.05
CA THR B 166 7.64 -1.94 9.70
C THR B 166 8.82 -1.61 10.62
N ALA B 167 8.74 -2.00 11.89
CA ALA B 167 9.81 -1.71 12.83
C ALA B 167 11.10 -2.43 12.45
N LEU B 168 10.99 -3.56 11.76
CA LEU B 168 12.18 -4.30 11.32
C LEU B 168 12.94 -3.60 10.21
N GLU B 169 12.43 -2.48 9.69
CA GLU B 169 13.08 -1.76 8.60
C GLU B 169 14.49 -1.32 8.96
N SER B 170 14.80 -1.18 10.25
CA SER B 170 16.16 -0.85 10.66
C SER B 170 17.17 -1.95 10.30
N GLU B 171 16.70 -3.19 10.13
CA GLU B 171 17.56 -4.30 9.75
C GLU B 171 17.66 -4.49 8.25
N SER B 172 17.00 -3.64 7.45
CA SER B 172 16.87 -3.87 6.02
C SER B 172 18.23 -3.82 5.34
N LYS B 173 18.64 -4.95 4.76
CA LYS B 173 19.88 -4.98 3.99
C LYS B 173 19.73 -4.28 2.64
N PHE B 174 18.53 -4.33 2.05
CA PHE B 174 18.34 -3.63 0.78
C PHE B 174 18.40 -2.12 0.97
N ALA B 175 17.76 -1.61 2.02
CA ALA B 175 17.79 -0.17 2.28
C ALA B 175 19.21 0.31 2.50
N LYS B 176 19.98 -0.43 3.32
CA LYS B 176 21.36 -0.04 3.59
C LYS B 176 22.23 -0.17 2.34
N ALA B 177 22.00 -1.21 1.54
CA ALA B 177 22.79 -1.39 0.32
C ALA B 177 22.44 -0.36 -0.74
N TYR B 178 21.15 -0.01 -0.85
CA TYR B 178 20.75 0.99 -1.84
C TYR B 178 21.37 2.35 -1.54
N ALA B 179 21.36 2.75 -0.26
CA ALA B 179 21.96 4.02 0.12
C ALA B 179 23.47 4.01 -0.11
N GLN B 180 24.10 2.85 0.02
CA GLN B 180 25.53 2.75 -0.26
C GLN B 180 25.82 2.89 -1.75
N GLY B 181 24.95 2.34 -2.61
CA GLY B 181 25.07 2.55 -4.03
C GLY B 181 25.34 1.30 -4.84
N ILE B 182 24.54 0.26 -4.63
CA ILE B 182 24.70 -0.98 -5.37
C ILE B 182 24.19 -0.80 -6.79
N SER B 183 24.53 -1.72 -7.67
CA SER B 183 24.04 -1.70 -9.04
C SER B 183 22.62 -2.26 -9.10
N LYS B 184 21.90 -1.86 -10.15
CA LYS B 184 20.53 -2.35 -10.33
C LYS B 184 20.50 -3.87 -10.49
N GLN B 185 21.58 -4.45 -11.01
CA GLN B 185 21.64 -5.90 -11.20
C GLN B 185 21.72 -6.66 -9.89
N ASP B 186 22.08 -5.99 -8.79
CA ASP B 186 22.23 -6.64 -7.49
C ASP B 186 21.09 -6.34 -6.54
N TYR B 187 20.04 -5.64 -6.98
CA TYR B 187 18.91 -5.34 -6.10
C TYR B 187 18.30 -6.62 -5.53
N TRP B 188 18.13 -7.63 -6.38
CA TRP B 188 17.43 -8.85 -5.96
C TRP B 188 18.13 -9.54 -4.81
N SER B 189 19.47 -9.49 -4.79
CA SER B 189 20.24 -10.23 -3.79
C SER B 189 19.91 -9.75 -2.38
N TYR B 190 19.91 -8.43 -2.19
CA TYR B 190 19.56 -7.87 -0.87
C TYR B 190 18.06 -8.00 -0.60
N THR B 191 17.24 -7.89 -1.65
CA THR B 191 15.82 -8.15 -1.49
C THR B 191 15.58 -9.58 -1.00
N PHE B 192 16.34 -10.53 -1.54
CA PHE B 192 16.22 -11.93 -1.13
C PHE B 192 16.54 -12.08 0.35
N GLU B 193 17.65 -11.48 0.81
CA GLU B 193 18.05 -11.65 2.20
C GLU B 193 17.03 -11.04 3.14
N ASP B 194 16.59 -9.80 2.86
CA ASP B 194 15.56 -9.19 3.67
C ASP B 194 14.30 -10.04 3.70
N SER B 195 13.95 -10.66 2.57
CA SER B 195 12.76 -11.49 2.51
C SER B 195 12.88 -12.71 3.42
N LEU B 196 14.05 -13.35 3.44
CA LEU B 196 14.23 -14.50 4.32
C LEU B 196 14.35 -14.06 5.77
N ASP B 197 15.03 -12.94 6.02
CA ASP B 197 15.06 -12.39 7.37
C ASP B 197 13.66 -12.09 7.87
N LEU B 198 12.80 -11.57 7.00
CA LEU B 198 11.43 -11.24 7.40
C LEU B 198 10.59 -12.49 7.59
N LEU B 199 10.72 -13.46 6.69
CA LEU B 199 9.94 -14.69 6.81
C LEU B 199 10.25 -15.43 8.10
N GLY B 200 11.52 -15.45 8.53
CA GLY B 200 11.86 -16.15 9.74
C GLY B 200 11.20 -15.57 10.97
N LYS B 201 11.02 -14.25 11.01
CA LYS B 201 10.48 -13.55 12.17
C LYS B 201 8.96 -13.47 12.18
N LEU B 202 8.30 -13.77 11.06
CA LEU B 202 6.84 -13.66 11.02
C LEU B 202 6.12 -14.58 11.99
N PRO B 203 6.51 -15.86 12.15
CA PRO B 203 5.83 -16.67 13.18
C PRO B 203 6.04 -16.14 14.58
N VAL B 204 7.20 -15.57 14.88
CA VAL B 204 7.45 -15.02 16.20
C VAL B 204 6.58 -13.79 16.45
N ILE B 205 6.51 -12.90 15.46
CA ILE B 205 5.68 -11.70 15.59
C ILE B 205 4.22 -12.09 15.81
N ALA B 206 3.72 -13.05 15.02
CA ALA B 206 2.33 -13.45 15.13
C ALA B 206 2.03 -14.12 16.45
N ALA B 207 2.95 -14.97 16.94
CA ALA B 207 2.70 -15.66 18.19
C ALA B 207 2.82 -14.72 19.38
N LYS B 208 3.81 -13.81 19.36
CA LYS B 208 3.92 -12.81 20.40
C LYS B 208 2.63 -11.99 20.51
N ILE B 209 2.08 -11.58 19.37
CA ILE B 209 0.81 -10.84 19.37
C ILE B 209 -0.30 -11.67 19.98
N TYR B 210 -0.35 -12.96 19.63
CA TYR B 210 -1.43 -13.81 20.13
C TYR B 210 -1.32 -14.00 21.64
N ARG B 211 -0.10 -14.17 22.15
CA ARG B 211 0.07 -14.31 23.60
C ARG B 211 -0.29 -13.01 24.32
N ASN B 212 0.15 -11.87 23.80
CA ASN B 212 -0.07 -10.60 24.48
C ASN B 212 -1.55 -10.22 24.50
N VAL B 213 -2.25 -10.42 23.38
CA VAL B 213 -3.63 -9.97 23.29
C VAL B 213 -4.58 -10.96 23.95
N PHE B 214 -4.40 -12.26 23.68
CA PHE B 214 -5.38 -13.25 24.09
C PHE B 214 -4.94 -14.18 25.21
N LYS B 215 -3.67 -14.12 25.63
CA LYS B 215 -3.19 -15.02 26.67
C LYS B 215 -2.48 -14.26 27.79
N ASP B 216 -1.40 -14.84 28.30
CA ASP B 216 -0.68 -14.29 29.43
C ASP B 216 0.59 -13.55 29.03
N GLY B 217 0.81 -13.32 27.73
CA GLY B 217 2.00 -12.63 27.29
C GLY B 217 3.28 -13.42 27.39
N LYS B 218 3.20 -14.71 27.68
CA LYS B 218 4.37 -15.56 27.84
C LYS B 218 4.51 -16.47 26.62
N MET B 219 5.74 -16.59 26.14
CA MET B 219 6.02 -17.27 24.88
C MET B 219 7.27 -18.13 25.04
N GLY B 220 7.27 -19.27 24.36
CA GLY B 220 8.41 -20.17 24.38
C GLY B 220 9.55 -19.65 23.53
N GLU B 221 10.56 -20.50 23.36
CA GLU B 221 11.72 -20.18 22.54
C GLU B 221 11.67 -21.00 21.25
N VAL B 222 12.20 -20.41 20.17
CA VAL B 222 12.16 -21.06 18.87
C VAL B 222 13.04 -22.30 18.87
N ASP B 223 12.56 -23.37 18.24
CA ASP B 223 13.34 -24.60 18.10
C ASP B 223 14.09 -24.55 16.78
N PRO B 224 15.44 -24.55 16.80
CA PRO B 224 16.18 -24.44 15.54
C PRO B 224 15.99 -25.60 14.59
N ASN B 225 15.45 -26.73 15.06
CA ASN B 225 15.20 -27.89 14.20
C ASN B 225 13.75 -28.00 13.77
N ALA B 226 12.86 -27.15 14.30
CA ALA B 226 11.46 -27.18 13.91
C ALA B 226 11.24 -26.46 12.59
N ASP B 227 10.13 -26.78 11.93
CA ASP B 227 9.79 -26.15 10.67
C ASP B 227 9.02 -24.85 10.91
N TYR B 228 8.62 -24.21 9.82
CA TYR B 228 7.98 -22.90 9.90
C TYR B 228 6.66 -22.97 10.65
N ALA B 229 5.81 -23.93 10.30
CA ALA B 229 4.51 -24.06 10.96
C ALA B 229 4.65 -24.56 12.39
N LYS B 230 5.63 -25.44 12.65
CA LYS B 230 5.80 -25.96 14.01
C LYS B 230 6.27 -24.86 14.96
N ASN B 231 7.18 -24.00 14.50
CA ASN B 231 7.60 -22.88 15.32
C ASN B 231 6.42 -21.97 15.66
N LEU B 232 5.51 -21.77 14.71
CA LEU B 232 4.35 -20.94 14.96
C LEU B 232 3.44 -21.55 16.01
N VAL B 233 3.11 -22.84 15.87
CA VAL B 233 2.26 -23.52 16.83
C VAL B 233 2.96 -23.65 18.18
N ASN B 234 4.28 -23.87 18.19
CA ASN B 234 5.01 -23.97 19.44
C ASN B 234 4.92 -22.69 20.25
N LEU B 235 5.20 -21.54 19.60
CA LEU B 235 5.21 -20.28 20.31
C LEU B 235 3.81 -19.84 20.72
N ILE B 236 2.79 -20.26 19.96
CA ILE B 236 1.42 -19.97 20.36
C ILE B 236 1.09 -20.69 21.68
N GLY B 237 1.70 -21.84 21.92
CA GLY B 237 1.56 -22.52 23.20
C GLY B 237 1.10 -23.96 23.11
N SER B 238 1.43 -24.64 22.02
CA SER B 238 1.00 -26.02 21.81
C SER B 238 2.12 -26.81 21.17
N LYS B 239 2.16 -28.11 21.49
CA LYS B 239 3.06 -29.05 20.84
C LYS B 239 2.32 -30.21 20.20
N ASP B 240 0.98 -30.14 20.17
CA ASP B 240 0.18 -31.18 19.53
C ASP B 240 0.55 -31.30 18.06
N GLU B 241 0.90 -32.52 17.65
CA GLU B 241 1.35 -32.73 16.26
C GLU B 241 0.22 -32.54 15.26
N ASP B 242 -1.02 -32.87 15.64
CA ASP B 242 -2.15 -32.63 14.76
C ASP B 242 -2.38 -31.14 14.55
N PHE B 243 -2.10 -30.32 15.57
CA PHE B 243 -2.16 -28.88 15.40
C PHE B 243 -1.06 -28.40 14.45
N VAL B 244 0.14 -28.95 14.59
CA VAL B 244 1.24 -28.56 13.71
C VAL B 244 0.94 -28.94 12.27
N ASP B 245 0.39 -30.15 12.05
CA ASP B 245 0.08 -30.59 10.70
C ASP B 245 -1.01 -29.73 10.06
N LEU B 246 -2.01 -29.33 10.86
CA LEU B 246 -3.03 -28.42 10.35
C LEU B 246 -2.41 -27.10 9.89
N MET B 247 -1.48 -26.56 10.68
CA MET B 247 -0.86 -25.30 10.32
C MET B 247 0.07 -25.45 9.11
N ARG B 248 0.69 -26.61 8.96
CA ARG B 248 1.45 -26.88 7.74
C ARG B 248 0.54 -26.81 6.52
N LEU B 249 -0.63 -27.45 6.61
CA LEU B 249 -1.59 -27.38 5.52
C LEU B 249 -2.13 -25.97 5.34
N TYR B 250 -2.47 -25.30 6.45
CA TYR B 250 -3.07 -23.97 6.36
C TYR B 250 -2.12 -22.98 5.70
N LEU B 251 -0.90 -22.86 6.24
CA LEU B 251 0.07 -21.91 5.69
C LEU B 251 0.43 -22.23 4.24
N THR B 252 0.27 -23.49 3.83
CA THR B 252 0.59 -23.87 2.47
C THR B 252 -0.48 -23.38 1.50
N ILE B 253 -1.74 -23.74 1.74
CA ILE B 253 -2.80 -23.46 0.76
C ILE B 253 -3.21 -22.00 0.71
N HIS B 254 -2.82 -21.18 1.69
CA HIS B 254 -3.09 -19.76 1.67
C HIS B 254 -1.90 -18.93 1.20
N SER B 255 -0.87 -19.58 0.66
CA SER B 255 0.41 -18.89 0.43
C SER B 255 0.33 -17.88 -0.71
N ASP B 256 -0.54 -18.11 -1.69
CA ASP B 256 -0.53 -17.27 -2.89
C ASP B 256 -1.82 -17.52 -3.67
N HIS B 257 -2.35 -16.45 -4.27
CA HIS B 257 -3.54 -16.59 -5.11
C HIS B 257 -3.61 -15.44 -6.12
N GLU B 258 -2.74 -15.49 -7.13
CA GLU B 258 -2.66 -14.49 -8.19
C GLU B 258 -2.25 -13.13 -7.65
N GLY B 259 -2.11 -12.14 -8.54
CA GLY B 259 -1.59 -10.85 -8.14
C GLY B 259 -2.58 -9.71 -8.21
N GLY B 260 -3.84 -10.04 -8.54
CA GLY B 260 -4.86 -9.01 -8.65
C GLY B 260 -5.46 -8.57 -7.34
N ASN B 261 -5.42 -9.42 -6.31
CA ASN B 261 -6.04 -9.07 -5.04
C ASN B 261 -5.30 -7.92 -4.38
N VAL B 262 -5.98 -7.29 -3.42
CA VAL B 262 -5.55 -6.00 -2.89
C VAL B 262 -4.19 -6.11 -2.21
N SER B 263 -4.00 -7.12 -1.36
CA SER B 263 -2.75 -7.22 -0.61
C SER B 263 -1.57 -7.55 -1.51
N ALA B 264 -1.77 -8.44 -2.49
CA ALA B 264 -0.69 -8.74 -3.44
C ALA B 264 -0.37 -7.53 -4.30
N HIS B 265 -1.42 -6.88 -4.82
CA HIS B 265 -1.24 -5.69 -5.64
C HIS B 265 -0.56 -4.57 -4.86
N THR B 266 -0.92 -4.41 -3.59
CA THR B 266 -0.36 -3.33 -2.78
C THR B 266 1.13 -3.53 -2.54
N SER B 267 1.53 -4.76 -2.19
CA SER B 267 2.95 -5.02 -1.94
C SER B 267 3.76 -4.86 -3.22
N HIS B 268 3.20 -5.24 -4.37
CA HIS B 268 3.88 -5.01 -5.63
C HIS B 268 4.01 -3.52 -5.92
N LEU B 269 2.96 -2.75 -5.64
CA LEU B 269 2.96 -1.32 -5.95
C LEU B 269 3.97 -0.58 -5.08
N VAL B 270 3.99 -0.86 -3.78
CA VAL B 270 4.95 -0.21 -2.90
C VAL B 270 6.37 -0.70 -3.20
N GLY B 271 6.51 -1.99 -3.52
CA GLY B 271 7.82 -2.52 -3.86
C GLY B 271 8.35 -1.99 -5.19
N SER B 272 7.45 -1.62 -6.11
CA SER B 272 7.88 -1.11 -7.40
C SER B 272 8.57 0.25 -7.27
N ALA B 273 8.37 0.96 -6.17
CA ALA B 273 9.11 2.18 -5.88
C ALA B 273 10.41 1.92 -5.13
N LEU B 274 10.82 0.65 -5.03
CA LEU B 274 12.05 0.21 -4.38
C LEU B 274 11.99 0.32 -2.86
N SER B 275 10.79 0.31 -2.27
CA SER B 275 10.69 0.12 -0.83
C SER B 275 11.08 -1.32 -0.48
N SER B 276 11.61 -1.49 0.73
CA SER B 276 12.11 -2.79 1.16
C SER B 276 10.97 -3.78 1.34
N PRO B 277 11.28 -5.07 1.44
CA PRO B 277 10.21 -6.05 1.70
C PRO B 277 9.44 -5.77 2.98
N TYR B 278 10.06 -5.13 3.97
CA TYR B 278 9.36 -4.83 5.22
C TYR B 278 8.24 -3.84 4.98
N LEU B 279 8.54 -2.71 4.35
CA LEU B 279 7.50 -1.74 4.02
C LEU B 279 6.52 -2.28 2.98
N SER B 280 7.01 -3.12 2.06
CA SER B 280 6.13 -3.69 1.05
C SER B 280 5.16 -4.70 1.66
N LEU B 281 5.67 -5.58 2.53
CA LEU B 281 4.77 -6.53 3.19
C LEU B 281 3.82 -5.83 4.15
N ALA B 282 4.33 -4.83 4.90
CA ALA B 282 3.47 -4.11 5.84
C ALA B 282 2.30 -3.46 5.11
N SER B 283 2.56 -2.80 3.98
CA SER B 283 1.49 -2.21 3.20
C SER B 283 0.52 -3.27 2.71
N GLY B 284 1.04 -4.42 2.27
CA GLY B 284 0.18 -5.51 1.85
C GLY B 284 -0.70 -6.02 2.98
N LEU B 285 -0.14 -6.11 4.18
CA LEU B 285 -0.93 -6.53 5.33
C LEU B 285 -2.02 -5.51 5.65
N ASN B 286 -1.73 -4.23 5.48
CA ASN B 286 -2.74 -3.20 5.72
C ASN B 286 -3.90 -3.33 4.73
N GLY B 287 -3.60 -3.71 3.50
CA GLY B 287 -4.67 -4.00 2.55
C GLY B 287 -5.40 -5.28 2.90
N LEU B 288 -4.66 -6.29 3.36
CA LEU B 288 -5.28 -7.53 3.80
C LEU B 288 -6.17 -7.30 5.02
N ALA B 289 -5.87 -6.27 5.81
CA ALA B 289 -6.69 -5.94 6.97
C ALA B 289 -8.06 -5.38 6.58
N GLY B 290 -8.23 -4.97 5.32
CA GLY B 290 -9.49 -4.45 4.85
C GLY B 290 -10.60 -5.47 4.97
N PRO B 291 -11.77 -5.03 5.44
CA PRO B 291 -12.89 -5.97 5.63
C PRO B 291 -13.33 -6.67 4.36
N LEU B 292 -13.12 -6.07 3.19
CA LEU B 292 -13.53 -6.68 1.93
C LEU B 292 -12.48 -7.61 1.34
N HIS B 293 -11.40 -7.88 2.07
CA HIS B 293 -10.32 -8.70 1.53
C HIS B 293 -9.98 -9.89 2.41
N GLY B 294 -9.63 -9.64 3.68
CA GLY B 294 -9.08 -10.69 4.50
C GLY B 294 -9.95 -11.21 5.64
N ARG B 295 -11.28 -11.16 5.47
CA ARG B 295 -12.18 -11.54 6.55
C ARG B 295 -13.22 -12.58 6.12
N ALA B 296 -13.09 -13.17 4.93
CA ALA B 296 -14.05 -14.18 4.50
C ALA B 296 -14.09 -15.36 5.46
N ASN B 297 -12.93 -15.73 6.02
CA ASN B 297 -12.88 -16.81 6.99
C ASN B 297 -13.74 -16.49 8.21
N GLN B 298 -13.66 -15.26 8.72
CA GLN B 298 -14.44 -14.86 9.87
C GLN B 298 -15.91 -14.65 9.53
N GLU B 299 -16.20 -14.19 8.31
CA GLU B 299 -17.59 -14.03 7.90
C GLU B 299 -18.30 -15.37 7.84
N VAL B 300 -17.62 -16.41 7.37
CA VAL B 300 -18.21 -17.76 7.35
C VAL B 300 -18.42 -18.27 8.78
N LEU B 301 -17.43 -18.04 9.66
CA LEU B 301 -17.54 -18.52 11.03
C LEU B 301 -18.67 -17.83 11.77
N GLU B 302 -18.77 -16.50 11.63
CA GLU B 302 -19.85 -15.76 12.23
C GLU B 302 -21.21 -16.27 11.77
N TRP B 303 -21.32 -16.61 10.48
CA TRP B 303 -22.57 -17.13 9.94
C TRP B 303 -22.82 -18.56 10.38
N LEU B 304 -21.76 -19.33 10.65
CA LEU B 304 -21.93 -20.69 11.16
C LEU B 304 -22.46 -20.68 12.58
N PHE B 305 -21.93 -19.79 13.43
CA PHE B 305 -22.39 -19.73 14.82
C PHE B 305 -23.85 -19.27 14.89
N ALA B 306 -24.25 -18.33 14.04
CA ALA B 306 -25.64 -17.89 14.03
C ALA B 306 -26.57 -19.03 13.63
N LEU B 307 -26.17 -19.85 12.66
CA LEU B 307 -26.96 -21.00 12.25
C LEU B 307 -27.12 -21.98 13.41
N LYS B 308 -26.02 -22.26 14.11
CA LYS B 308 -26.05 -23.20 15.23
C LYS B 308 -27.02 -22.75 16.32
N GLU B 309 -27.04 -21.44 16.62
CA GLU B 309 -27.97 -20.92 17.61
C GLU B 309 -29.41 -21.03 17.13
N GLU B 310 -29.66 -20.80 15.84
CA GLU B 310 -31.02 -20.82 15.33
C GLU B 310 -31.56 -22.24 15.17
N VAL B 311 -30.73 -23.18 14.72
CA VAL B 311 -31.20 -24.55 14.55
C VAL B 311 -31.17 -25.35 15.84
N ASN B 312 -30.68 -24.77 16.93
CA ASN B 312 -30.59 -25.44 18.22
C ASN B 312 -29.85 -26.77 18.09
N ASP B 313 -28.74 -26.75 17.33
CA ASP B 313 -27.86 -27.89 17.13
C ASP B 313 -28.52 -29.02 16.33
N ASP B 314 -29.61 -28.74 15.62
CA ASP B 314 -30.22 -29.71 14.71
C ASP B 314 -29.60 -29.53 13.33
N TYR B 315 -28.84 -30.54 12.88
CA TYR B 315 -28.16 -30.50 11.61
C TYR B 315 -28.78 -31.44 10.58
N SER B 316 -30.05 -31.79 10.75
CA SER B 316 -30.72 -32.69 9.83
C SER B 316 -30.85 -32.05 8.45
N LYS B 317 -30.95 -32.91 7.43
CA LYS B 317 -31.04 -32.43 6.06
C LYS B 317 -32.24 -31.51 5.87
N ASP B 318 -33.38 -31.86 6.49
CA ASP B 318 -34.58 -31.03 6.36
C ASP B 318 -34.38 -29.67 7.03
N THR B 319 -33.76 -29.65 8.20
CA THR B 319 -33.58 -28.40 8.93
C THR B 319 -32.57 -27.50 8.23
N ILE B 320 -31.46 -28.06 7.77
CA ILE B 320 -30.42 -27.24 7.13
C ILE B 320 -30.91 -26.69 5.81
N GLU B 321 -31.62 -27.51 5.02
CA GLU B 321 -32.12 -27.04 3.74
C GLU B 321 -33.14 -25.90 3.91
N LYS B 322 -33.92 -25.94 4.98
CA LYS B 322 -34.84 -24.85 5.27
C LYS B 322 -34.09 -23.56 5.57
N TYR B 323 -33.02 -23.65 6.37
CA TYR B 323 -32.25 -22.47 6.72
C TYR B 323 -31.55 -21.88 5.51
N LEU B 324 -31.12 -22.74 4.57
CA LEU B 324 -30.44 -22.25 3.38
C LEU B 324 -31.42 -21.54 2.44
N TRP B 325 -32.61 -22.11 2.26
CA TRP B 325 -33.62 -21.45 1.42
C TRP B 325 -34.03 -20.12 2.02
N ASP B 326 -34.12 -20.03 3.35
CA ASP B 326 -34.44 -18.77 4.00
C ASP B 326 -33.38 -17.72 3.71
N THR B 327 -32.10 -18.11 3.76
CA THR B 327 -31.03 -17.16 3.51
C THR B 327 -31.05 -16.69 2.06
N LEU B 328 -31.27 -17.60 1.11
CA LEU B 328 -31.27 -17.22 -0.29
C LEU B 328 -32.53 -16.44 -0.66
N ASN B 329 -33.67 -16.78 -0.05
CA ASN B 329 -34.89 -16.04 -0.33
C ASN B 329 -34.88 -14.67 0.31
N SER B 330 -34.11 -14.49 1.39
CA SER B 330 -33.97 -13.18 2.02
C SER B 330 -32.96 -12.29 1.31
N GLY B 331 -32.49 -12.69 0.13
CA GLY B 331 -31.59 -11.88 -0.67
C GLY B 331 -30.12 -11.97 -0.29
N ARG B 332 -29.76 -12.80 0.68
CA ARG B 332 -28.39 -12.93 1.12
C ARG B 332 -27.70 -14.11 0.44
N VAL B 333 -26.40 -14.21 0.67
CA VAL B 333 -25.59 -15.29 0.10
C VAL B 333 -25.22 -16.26 1.22
N ILE B 334 -24.90 -17.49 0.81
CA ILE B 334 -24.33 -18.47 1.74
C ILE B 334 -22.82 -18.22 1.78
N PRO B 335 -22.28 -17.74 2.90
CA PRO B 335 -20.86 -17.37 2.93
C PRO B 335 -19.96 -18.54 2.58
N GLY B 336 -18.94 -18.26 1.76
CA GLY B 336 -18.02 -19.27 1.31
C GLY B 336 -18.49 -20.08 0.12
N TYR B 337 -19.73 -19.93 -0.31
CA TYR B 337 -20.28 -20.70 -1.42
C TYR B 337 -20.55 -19.79 -2.61
N GLY B 338 -20.21 -20.28 -3.80
CA GLY B 338 -20.41 -19.52 -5.01
C GLY B 338 -19.14 -18.87 -5.53
N HIS B 339 -18.58 -19.43 -6.61
CA HIS B 339 -17.42 -18.86 -7.26
C HIS B 339 -17.86 -18.03 -8.46
N ALA B 340 -17.01 -17.08 -8.84
CA ALA B 340 -17.23 -16.33 -10.06
C ALA B 340 -16.68 -17.05 -11.28
N VAL B 341 -15.59 -17.81 -11.11
CA VAL B 341 -14.90 -18.45 -12.23
C VAL B 341 -14.73 -19.94 -12.00
N LEU B 342 -14.26 -20.32 -10.81
CA LEU B 342 -14.00 -21.73 -10.51
C LEU B 342 -15.28 -22.53 -10.61
N ARG B 343 -15.23 -23.61 -11.41
CA ARG B 343 -16.42 -24.37 -11.79
C ARG B 343 -16.63 -25.64 -10.96
N LYS B 344 -15.81 -25.86 -9.93
CA LYS B 344 -15.97 -27.00 -9.04
C LYS B 344 -15.60 -26.57 -7.63
N THR B 345 -15.76 -27.49 -6.68
CA THR B 345 -15.35 -27.23 -5.31
C THR B 345 -13.87 -26.89 -5.26
N ASP B 346 -13.52 -25.89 -4.45
CA ASP B 346 -12.14 -25.50 -4.26
C ASP B 346 -11.34 -26.68 -3.70
N PRO B 347 -10.30 -27.15 -4.39
CA PRO B 347 -9.48 -28.24 -3.83
C PRO B 347 -8.93 -27.93 -2.45
N ARG B 348 -8.77 -26.65 -2.10
CA ARG B 348 -8.37 -26.30 -0.75
C ARG B 348 -9.48 -26.56 0.25
N TYR B 349 -10.75 -26.47 -0.18
CA TYR B 349 -11.85 -26.90 0.68
C TYR B 349 -11.80 -28.40 0.89
N MET B 350 -11.58 -29.17 -0.18
CA MET B 350 -11.56 -30.62 -0.07
C MET B 350 -10.38 -31.10 0.77
N ALA B 351 -9.23 -30.43 0.64
CA ALA B 351 -8.08 -30.78 1.47
C ALA B 351 -8.38 -30.55 2.95
N GLN B 352 -9.17 -29.53 3.27
CA GLN B 352 -9.55 -29.27 4.65
C GLN B 352 -10.66 -30.20 5.12
N ARG B 353 -11.58 -30.57 4.22
CA ARG B 353 -12.60 -31.55 4.57
C ARG B 353 -11.98 -32.90 4.90
N LYS B 354 -10.95 -33.31 4.13
CA LYS B 354 -10.29 -34.58 4.39
C LYS B 354 -9.53 -34.54 5.72
N PHE B 355 -8.88 -33.42 6.03
CA PHE B 355 -8.15 -33.32 7.29
C PHE B 355 -9.07 -33.54 8.49
N ALA B 356 -10.26 -32.96 8.44
CA ALA B 356 -11.19 -33.10 9.56
C ALA B 356 -11.70 -34.52 9.68
N MET B 357 -11.96 -35.19 8.55
CA MET B 357 -12.46 -36.56 8.60
C MET B 357 -11.38 -37.55 9.04
N ASP B 358 -10.11 -37.14 9.04
CA ASP B 358 -9.02 -37.99 9.50
C ASP B 358 -8.51 -37.60 10.88
N HIS B 359 -9.18 -36.66 11.56
CA HIS B 359 -8.69 -36.20 12.85
C HIS B 359 -9.82 -36.01 13.86
N PHE B 360 -10.97 -35.51 13.40
CA PHE B 360 -12.10 -35.31 14.31
C PHE B 360 -13.43 -35.27 13.58
N PRO B 361 -13.86 -36.38 12.96
CA PRO B 361 -15.13 -36.36 12.22
C PRO B 361 -16.37 -36.22 13.10
N ASP B 362 -16.24 -36.41 14.41
CA ASP B 362 -17.38 -36.30 15.32
C ASP B 362 -17.52 -34.91 15.91
N TYR B 363 -16.57 -34.01 15.65
CA TYR B 363 -16.67 -32.62 16.09
C TYR B 363 -17.96 -32.00 15.57
N GLU B 364 -18.77 -31.46 16.48
CA GLU B 364 -20.10 -30.99 16.10
C GLU B 364 -20.02 -29.83 15.11
N LEU B 365 -19.10 -28.89 15.33
CA LEU B 365 -18.97 -27.77 14.41
C LEU B 365 -18.58 -28.23 13.00
N PHE B 366 -17.79 -29.31 12.90
CA PHE B 366 -17.48 -29.85 11.59
C PHE B 366 -18.68 -30.54 10.97
N LYS B 367 -19.45 -31.28 11.77
CA LYS B 367 -20.66 -31.91 11.25
C LYS B 367 -21.62 -30.88 10.68
N LEU B 368 -21.64 -29.67 11.24
CA LEU B 368 -22.41 -28.59 10.64
C LEU B 368 -21.86 -28.24 9.26
N VAL B 369 -20.53 -28.07 9.17
CA VAL B 369 -19.91 -27.75 7.89
C VAL B 369 -20.18 -28.85 6.87
N SER B 370 -19.96 -30.11 7.28
CA SER B 370 -20.19 -31.22 6.36
C SER B 370 -21.66 -31.33 5.97
N SER B 371 -22.57 -31.10 6.93
CA SER B 371 -23.99 -31.13 6.61
C SER B 371 -24.35 -30.07 5.58
N ILE B 372 -23.74 -28.88 5.69
CA ILE B 372 -23.97 -27.84 4.69
C ILE B 372 -23.41 -28.27 3.34
N TYR B 373 -22.23 -28.88 3.33
CA TYR B 373 -21.62 -29.29 2.06
C TYR B 373 -22.46 -30.34 1.34
N GLU B 374 -23.21 -31.16 2.08
CA GLU B 374 -24.01 -32.22 1.48
C GLU B 374 -25.27 -31.69 0.79
N VAL B 375 -25.77 -30.52 1.19
CA VAL B 375 -27.05 -30.04 0.68
C VAL B 375 -26.99 -28.66 0.06
N ALA B 376 -25.99 -27.82 0.39
CA ALA B 376 -25.96 -26.47 -0.16
C ALA B 376 -25.82 -26.42 -1.67
N PRO B 377 -24.98 -27.23 -2.33
CA PRO B 377 -24.90 -27.13 -3.80
C PRO B 377 -26.22 -27.35 -4.51
N GLY B 378 -26.99 -28.36 -4.10
CA GLY B 378 -28.27 -28.62 -4.75
C GLY B 378 -29.29 -27.53 -4.48
N VAL B 379 -29.28 -26.97 -3.26
CA VAL B 379 -30.20 -25.89 -2.93
C VAL B 379 -29.87 -24.65 -3.74
N LEU B 380 -28.59 -24.27 -3.79
CA LEU B 380 -28.17 -23.12 -4.59
C LEU B 380 -28.52 -23.32 -6.06
N THR B 381 -28.41 -24.57 -6.55
CA THR B 381 -28.74 -24.85 -7.94
C THR B 381 -30.23 -24.69 -8.20
N GLU B 382 -31.07 -25.28 -7.34
CA GLU B 382 -32.50 -25.16 -7.50
C GLU B 382 -32.94 -23.70 -7.36
N HIS B 383 -32.26 -22.94 -6.49
CA HIS B 383 -32.54 -21.51 -6.35
C HIS B 383 -32.23 -20.74 -7.63
N GLY B 384 -31.32 -21.25 -8.47
CA GLY B 384 -31.12 -20.75 -9.81
C GLY B 384 -30.44 -19.41 -9.93
N LYS B 385 -29.85 -18.88 -8.86
CA LYS B 385 -29.21 -17.57 -8.90
C LYS B 385 -27.71 -17.65 -8.63
N THR B 386 -27.11 -18.83 -8.77
CA THR B 386 -25.70 -19.03 -8.46
C THR B 386 -25.08 -19.92 -9.52
N LYS B 387 -24.12 -19.39 -10.26
CA LYS B 387 -23.59 -20.10 -11.42
C LYS B 387 -22.74 -21.31 -11.00
N ASN B 388 -21.82 -21.11 -10.06
CA ASN B 388 -20.91 -22.16 -9.60
C ASN B 388 -21.14 -22.36 -8.11
N PRO B 389 -22.13 -23.17 -7.74
CA PRO B 389 -22.56 -23.30 -6.33
C PRO B 389 -21.69 -24.26 -5.52
N TRP B 390 -20.44 -23.86 -5.28
CA TRP B 390 -19.48 -24.72 -4.61
C TRP B 390 -18.68 -23.91 -3.60
N PRO B 391 -18.18 -24.56 -2.54
CA PRO B 391 -17.49 -23.81 -1.49
C PRO B 391 -16.02 -23.56 -1.80
N ASN B 392 -15.51 -22.46 -1.24
CA ASN B 392 -14.11 -22.09 -1.38
C ASN B 392 -13.35 -22.43 -0.10
N VAL B 393 -12.08 -22.05 -0.08
CA VAL B 393 -11.21 -22.38 1.05
C VAL B 393 -11.71 -21.74 2.34
N ASP B 394 -12.36 -20.58 2.25
CA ASP B 394 -12.79 -19.86 3.44
C ASP B 394 -14.01 -20.47 4.10
N ALA B 395 -14.72 -21.38 3.43
CA ALA B 395 -15.85 -22.06 4.04
C ALA B 395 -15.45 -23.12 5.04
N HIS B 396 -14.17 -23.52 5.07
CA HIS B 396 -13.75 -24.66 5.87
C HIS B 396 -12.55 -24.39 6.77
N SER B 397 -11.94 -23.21 6.69
CA SER B 397 -10.72 -22.96 7.47
C SER B 397 -11.02 -22.65 8.93
N GLY B 398 -12.11 -21.93 9.19
CA GLY B 398 -12.39 -21.50 10.56
C GLY B 398 -12.71 -22.67 11.48
N VAL B 399 -13.52 -23.62 11.01
CA VAL B 399 -13.91 -24.76 11.84
C VAL B 399 -12.68 -25.57 12.25
N LEU B 400 -11.67 -25.65 11.38
CA LEU B 400 -10.45 -26.37 11.75
C LEU B 400 -9.65 -25.60 12.80
N LEU B 401 -9.56 -24.28 12.65
CA LEU B 401 -8.86 -23.46 13.65
C LEU B 401 -9.58 -23.49 15.00
N GLN B 402 -10.90 -23.59 14.99
CA GLN B 402 -11.66 -23.60 16.24
C GLN B 402 -11.40 -24.87 17.03
N TYR B 403 -11.20 -26.00 16.34
CA TYR B 403 -11.05 -27.28 17.04
C TYR B 403 -9.82 -27.27 17.94
N TYR B 404 -8.73 -26.63 17.50
CA TYR B 404 -7.47 -26.65 18.23
C TYR B 404 -7.30 -25.42 19.12
N GLY B 405 -8.39 -24.73 19.46
CA GLY B 405 -8.33 -23.66 20.43
C GLY B 405 -8.10 -22.27 19.88
N LEU B 406 -7.96 -22.11 18.56
CA LEU B 406 -7.84 -20.79 17.96
C LEU B 406 -9.25 -20.27 17.68
N LYS B 407 -9.88 -19.75 18.73
CA LYS B 407 -11.26 -19.29 18.68
C LYS B 407 -11.39 -17.79 18.61
N GLU B 408 -10.28 -17.06 18.55
CA GLU B 408 -10.29 -15.59 18.53
C GLU B 408 -10.21 -15.16 17.07
N SER B 409 -11.37 -14.91 16.47
CA SER B 409 -11.46 -14.66 15.03
C SER B 409 -10.79 -13.34 14.63
N SER B 410 -10.60 -12.41 15.56
CA SER B 410 -9.84 -11.20 15.24
C SER B 410 -8.36 -11.48 15.01
N PHE B 411 -7.94 -12.73 15.10
CA PHE B 411 -6.57 -13.13 14.84
C PHE B 411 -6.41 -13.88 13.52
N TYR B 412 -7.51 -14.23 12.85
CA TYR B 412 -7.44 -15.11 11.69
C TYR B 412 -6.74 -14.44 10.51
N THR B 413 -6.89 -13.12 10.34
CA THR B 413 -6.22 -12.44 9.23
C THR B 413 -4.72 -12.34 9.46
N VAL B 414 -4.26 -12.36 10.72
CA VAL B 414 -2.83 -12.43 10.99
C VAL B 414 -2.28 -13.76 10.50
N LEU B 415 -3.00 -14.86 10.76
CA LEU B 415 -2.58 -16.16 10.26
C LEU B 415 -2.60 -16.20 8.74
N PHE B 416 -3.64 -15.59 8.14
CA PHE B 416 -3.69 -15.44 6.69
C PHE B 416 -2.45 -14.73 6.17
N GLY B 417 -2.01 -13.67 6.86
CA GLY B 417 -0.85 -12.93 6.41
C GLY B 417 0.46 -13.68 6.59
N VAL B 418 0.56 -14.48 7.65
CA VAL B 418 1.76 -15.30 7.85
C VAL B 418 1.94 -16.26 6.68
N SER B 419 0.84 -16.72 6.09
CA SER B 419 0.92 -17.61 4.94
C SER B 419 1.14 -16.82 3.65
N ARG B 420 0.29 -15.83 3.39
CA ARG B 420 0.31 -15.12 2.11
C ARG B 420 1.62 -14.37 1.88
N ALA B 421 2.39 -14.11 2.93
CA ALA B 421 3.68 -13.45 2.76
C ALA B 421 4.65 -14.30 1.95
N PHE B 422 4.45 -15.62 1.89
CA PHE B 422 5.30 -16.45 1.05
C PHE B 422 5.15 -16.08 -0.43
N GLY B 423 3.91 -15.96 -0.90
CA GLY B 423 3.69 -15.61 -2.29
C GLY B 423 4.01 -14.15 -2.58
N ILE B 424 3.74 -13.26 -1.63
CA ILE B 424 4.04 -11.85 -1.80
C ILE B 424 5.53 -11.64 -1.96
N LEU B 425 6.32 -12.25 -1.07
CA LEU B 425 7.76 -12.05 -1.10
C LEU B 425 8.41 -12.78 -2.27
N ALA B 426 7.82 -13.89 -2.72
CA ALA B 426 8.36 -14.59 -3.88
C ALA B 426 8.28 -13.70 -5.12
N GLN B 427 7.14 -13.02 -5.32
CA GLN B 427 7.00 -12.15 -6.47
C GLN B 427 7.87 -10.90 -6.34
N LEU B 428 8.01 -10.38 -5.12
CA LEU B 428 8.83 -9.18 -4.93
C LEU B 428 10.29 -9.45 -5.28
N ILE B 429 10.80 -10.63 -4.91
CA ILE B 429 12.15 -11.02 -5.32
C ILE B 429 12.23 -11.10 -6.84
N THR B 430 11.23 -11.72 -7.46
CA THR B 430 11.21 -11.85 -8.92
C THR B 430 11.13 -10.49 -9.60
N ASP B 431 10.33 -9.58 -9.04
CA ASP B 431 10.24 -8.24 -9.61
C ASP B 431 11.61 -7.56 -9.66
N ARG B 432 12.36 -7.63 -8.56
CA ARG B 432 13.67 -6.99 -8.51
C ARG B 432 14.68 -7.73 -9.38
N ALA B 433 14.56 -9.05 -9.49
CA ALA B 433 15.51 -9.82 -10.31
C ALA B 433 15.40 -9.41 -11.78
N ILE B 434 14.17 -9.25 -12.29
CA ILE B 434 13.97 -8.86 -13.68
C ILE B 434 13.90 -7.35 -13.86
N GLY B 435 14.05 -6.58 -12.78
CA GLY B 435 13.99 -5.13 -12.86
C GLY B 435 12.64 -4.62 -13.32
N ALA B 436 11.58 -5.08 -12.68
CA ALA B 436 10.24 -4.64 -13.03
C ALA B 436 10.09 -3.14 -12.81
N SER B 437 9.32 -2.49 -13.69
CA SER B 437 9.18 -1.06 -13.65
C SER B 437 8.25 -0.63 -12.50
N ILE B 438 8.24 0.66 -12.24
CA ILE B 438 7.37 1.23 -11.22
C ILE B 438 5.95 1.28 -11.76
N GLU B 439 4.98 0.83 -10.96
CA GLU B 439 3.59 0.86 -11.38
C GLU B 439 3.05 2.28 -11.23
N ARG B 440 2.66 2.89 -12.34
CA ARG B 440 2.20 4.28 -12.34
C ARG B 440 1.23 4.46 -13.50
N PRO B 441 -0.05 4.25 -13.27
CA PRO B 441 -1.07 4.52 -14.30
C PRO B 441 -1.37 6.01 -14.34
N LYS B 442 -2.31 6.37 -15.23
CA LYS B 442 -2.70 7.75 -15.44
C LYS B 442 -4.07 8.00 -14.79
N SER B 443 -4.22 9.18 -14.21
CA SER B 443 -5.48 9.55 -13.55
C SER B 443 -6.08 10.77 -14.22
N TYR B 444 -7.39 10.90 -14.05
CA TYR B 444 -8.14 12.07 -14.50
C TYR B 444 -9.24 12.37 -13.51
N SER B 445 -9.67 13.62 -13.49
CA SER B 445 -10.89 13.97 -12.76
C SER B 445 -12.11 13.53 -13.55
N THR B 446 -13.26 13.48 -12.87
CA THR B 446 -14.50 13.18 -13.55
C THR B 446 -14.79 14.18 -14.65
N GLU B 447 -14.51 15.46 -14.39
CA GLU B 447 -14.69 16.49 -15.40
C GLU B 447 -13.85 16.21 -16.64
N LYS B 448 -12.60 15.79 -16.46
CA LYS B 448 -11.75 15.52 -17.61
C LYS B 448 -12.15 14.22 -18.31
N TYR B 449 -12.62 13.23 -17.56
CA TYR B 449 -13.13 12.02 -18.19
C TYR B 449 -14.33 12.32 -19.07
N LYS B 450 -15.20 13.24 -18.63
CA LYS B 450 -16.33 13.64 -19.45
C LYS B 450 -15.87 14.23 -20.77
N GLU B 451 -14.91 15.17 -20.73
CA GLU B 451 -14.38 15.75 -21.96
C GLU B 451 -13.71 14.68 -22.82
N LEU B 452 -13.04 13.73 -22.19
CA LEU B 452 -12.40 12.65 -22.95
C LEU B 452 -13.43 11.78 -23.65
N VAL B 453 -14.48 11.38 -22.91
CA VAL B 453 -15.52 10.54 -23.48
C VAL B 453 -16.26 11.26 -24.60
N LYS B 454 -16.56 12.55 -24.39
CA LYS B 454 -17.30 13.31 -25.39
C LYS B 454 -16.52 13.41 -26.70
N ASN B 455 -15.21 13.67 -26.61
CA ASN B 455 -14.39 13.76 -27.82
C ASN B 455 -14.30 12.41 -28.53
N ILE B 456 -14.25 11.33 -27.76
CA ILE B 456 -14.21 9.99 -28.36
C ILE B 456 -15.51 9.70 -29.09
N GLU B 457 -16.65 10.02 -28.48
CA GLU B 457 -17.93 9.69 -29.08
C GLU B 457 -18.24 10.58 -30.28
N SER B 458 -17.76 11.82 -30.28
CA SER B 458 -18.00 12.70 -31.41
C SER B 458 -17.26 12.24 -32.67
N LYS B 459 -16.19 11.47 -32.51
CA LYS B 459 -15.43 10.95 -33.64
C LYS B 459 -15.90 9.58 -34.08
N LEU B 460 -16.86 8.98 -33.38
CA LEU B 460 -17.40 7.67 -33.77
C LEU B 460 -18.59 7.83 -34.70
CL CL C . 5.11 7.61 -8.74
CL CL D . -9.03 -8.46 -3.30
C1 GOL E . 30.83 21.53 -25.02
O1 GOL E . 31.10 20.55 -24.07
C2 GOL E . 29.75 20.96 -25.97
O2 GOL E . 30.04 19.66 -26.35
C3 GOL E . 29.72 21.94 -27.17
O3 GOL E . 29.12 23.11 -26.72
C1 GOL F . -15.72 15.45 -5.56
O1 GOL F . -15.64 15.91 -4.24
C2 GOL F . -16.56 16.47 -6.39
O2 GOL F . -16.00 16.71 -7.64
C3 GOL F . -16.65 17.75 -5.52
O3 GOL F . -17.63 18.56 -6.10
C1 GOL G . 12.53 4.25 3.31
O1 GOL G . 12.57 3.56 2.11
C2 GOL G . 13.97 4.72 3.61
O2 GOL G . 14.49 5.51 2.59
C3 GOL G . 14.78 3.42 3.81
O3 GOL G . 14.30 2.80 4.98
C1 GOL H . 16.82 30.29 -18.78
O1 GOL H . 16.77 29.40 -17.73
C2 GOL H . 15.99 31.52 -18.35
O2 GOL H . 16.04 31.73 -16.98
C3 GOL H . 14.55 31.23 -18.86
O3 GOL H . 14.13 30.07 -18.21
N1 EPE I . 18.03 38.08 5.38
C2 EPE I . 18.17 37.51 6.72
C3 EPE I . 16.79 37.15 7.26
N4 EPE I . 15.83 38.24 7.13
C5 EPE I . 15.89 39.09 5.95
C6 EPE I . 17.31 39.36 5.48
C7 EPE I . 14.58 38.11 7.83
C8 EPE I . 13.71 39.35 7.74
O8 EPE I . 12.65 39.26 8.67
C9 EPE I . 19.35 38.26 4.76
C10 EPE I . 19.73 36.97 4.06
S EPE I . 21.04 37.17 2.81
O1S EPE I . 20.44 37.12 1.48
O2S EPE I . 22.00 36.08 2.95
O3S EPE I . 21.70 38.45 3.02
C1 PEG J . 4.69 18.18 -12.98
O1 PEG J . 4.11 19.27 -12.25
C2 PEG J . 6.21 18.00 -12.46
O2 PEG J . 6.81 16.92 -13.22
C3 PEG J . 6.74 17.08 -14.65
C4 PEG J . 6.48 15.67 -15.34
O4 PEG J . 5.78 15.93 -16.57
C1 GOL K . -38.83 -24.07 0.32
O1 GOL K . -38.14 -23.73 1.49
C2 GOL K . -38.34 -23.09 -0.78
O2 GOL K . -38.53 -21.76 -0.43
C3 GOL K . -39.15 -23.48 -2.04
O3 GOL K . -38.77 -24.78 -2.38
C1 GOL L . -22.61 -32.11 -3.26
O1 GOL L . -22.41 -31.57 -1.99
C2 GOL L . -22.23 -33.62 -3.18
O2 GOL L . -21.86 -33.99 -1.89
C3 GOL L . -21.08 -33.79 -4.20
O3 GOL L . -19.97 -33.15 -3.65
C1 PEG M . -12.60 -19.22 -5.45
O1 PEG M . -13.38 -18.34 -6.29
C2 PEG M . -11.13 -18.62 -5.37
O2 PEG M . -10.22 -19.68 -5.00
C3 PEG M . -10.09 -20.74 -5.97
C4 PEG M . -8.83 -21.65 -5.58
O4 PEG M . -9.05 -22.97 -6.13
#